data_1YGY
#
_entry.id   1YGY
#
_cell.length_a   165.513
_cell.length_b   165.513
_cell.length_c   218.144
_cell.angle_alpha   90.00
_cell.angle_beta   90.00
_cell.angle_gamma   120.00
#
_symmetry.space_group_name_H-M   'P 65 2 2'
#
loop_
_entity.id
_entity.type
_entity.pdbx_description
1 polymer 'D-3-phosphoglycerate dehydrogenase'
2 non-polymer 'L(+)-TARTARIC ACID'
3 water water
#
_entity_poly.entity_id   1
_entity_poly.type   'polypeptide(L)'
_entity_poly.pdbx_seq_one_letter_code
;MVSLPVVLIADKLAPSTVAALGDQVEVRWVDGPDRDKLLAAVPEADALLVRSATTVDAEVLAAAPKLKIVARAGVGLDNV
DVDAATARGVLVVNAPTSNIHSAAEHALALLLAASRQIPAADASLREHTWKRSSFSGTEIFGKTVGVVGLGRIGQLVAQR
IAAFGAYVVAYDPYVSPARAAQLGIELLSLDDLLARADFISVHLPKTPETAGLIDKEALAKTKPGVIIVNAARGGLVDEA
ALADAITGGHVRAAGLDVFATEPCTDSPLFELAQVVVTPHLGASTAEAQDRAGTDVAESVRLALAGEFVPDAVNVGGGVV
NEEVAPWLDLVRKLGVLAGVLSDELPVSLSVQVRGELAAEEVEVLRLSALRGLFSAVIEDAVTFVNAPALAAERGVTAEI
CKASESPNHRSVVDVRAVGADGSVVTVSGTLYGPQLSQKIVQINGRHFDLRAQGINLIIHYVDRPGALGKIGTLLGTAGV
NIQAAQLSEDAEGPGATILLRLDQDVPDDVRTAIAAAVDAYKLEVVDLS
;
_entity_poly.pdbx_strand_id   A,B
#
loop_
_chem_comp.id
_chem_comp.type
_chem_comp.name
_chem_comp.formula
TLA non-polymer 'L(+)-TARTARIC ACID' 'C4 H6 O6'
#
# COMPACT_ATOMS: atom_id res chain seq x y z
N SER A 3 -28.18 26.15 -37.13
CA SER A 3 -27.78 24.80 -37.62
C SER A 3 -26.89 24.07 -36.61
N LEU A 4 -27.50 23.32 -35.70
CA LEU A 4 -26.79 22.66 -34.59
C LEU A 4 -25.74 21.63 -35.05
N PRO A 5 -24.56 21.67 -34.43
CA PRO A 5 -23.46 20.76 -34.79
C PRO A 5 -23.83 19.31 -34.47
N VAL A 6 -23.42 18.38 -35.32
CA VAL A 6 -23.76 16.97 -35.18
C VAL A 6 -22.69 16.14 -34.46
N VAL A 7 -23.10 15.45 -33.40
CA VAL A 7 -22.20 14.56 -32.70
C VAL A 7 -22.60 13.12 -32.97
N LEU A 8 -21.80 12.41 -33.76
CA LEU A 8 -22.05 10.98 -34.11
C LEU A 8 -21.39 9.97 -33.15
N ILE A 9 -22.21 9.23 -32.39
CA ILE A 9 -21.72 8.11 -31.58
C ILE A 9 -21.73 6.80 -32.36
N ALA A 10 -20.53 6.29 -32.64
CA ALA A 10 -20.37 5.11 -33.49
C ALA A 10 -20.23 3.80 -32.73
N ASP A 11 -19.92 3.88 -31.44
CA ASP A 11 -19.84 2.68 -30.61
C ASP A 11 -20.89 2.76 -29.50
N LYS A 12 -20.86 1.80 -28.57
CA LYS A 12 -21.96 1.65 -27.60
C LYS A 12 -21.87 2.55 -26.35
N LEU A 13 -22.14 3.84 -26.53
CA LEU A 13 -22.23 4.81 -25.44
C LEU A 13 -23.66 5.33 -25.29
N ALA A 14 -24.23 5.22 -24.10
CA ALA A 14 -25.61 5.63 -23.82
C ALA A 14 -25.70 7.14 -23.71
N PRO A 15 -26.84 7.69 -24.10
CA PRO A 15 -27.09 9.14 -24.01
C PRO A 15 -26.78 9.73 -22.63
N SER A 16 -27.10 9.00 -21.58
CA SER A 16 -26.87 9.48 -20.23
C SER A 16 -25.38 9.63 -19.98
N THR A 17 -24.59 8.70 -20.52
CA THR A 17 -23.14 8.74 -20.40
C THR A 17 -22.61 10.06 -20.98
N VAL A 18 -23.39 10.63 -21.89
CA VAL A 18 -22.88 11.68 -22.76
C VAL A 18 -23.57 13.03 -22.54
N ALA A 19 -24.36 13.11 -21.47
CA ALA A 19 -25.19 14.29 -21.20
C ALA A 19 -24.39 15.59 -21.00
N ALA A 20 -23.06 15.49 -20.83
CA ALA A 20 -22.19 16.66 -20.71
C ALA A 20 -22.05 17.48 -22.00
N LEU A 21 -22.37 16.86 -23.13
CA LEU A 21 -22.58 17.61 -24.37
C LEU A 21 -23.83 18.41 -24.08
N GLY A 22 -23.88 19.66 -24.50
CA GLY A 22 -25.04 20.47 -24.16
C GLY A 22 -26.36 19.95 -24.70
N ASP A 23 -27.36 20.82 -24.71
CA ASP A 23 -28.57 20.60 -25.52
C ASP A 23 -28.45 21.52 -26.74
N GLN A 24 -27.22 22.00 -26.94
CA GLN A 24 -26.86 22.86 -28.06
C GLN A 24 -26.40 22.03 -29.25
N VAL A 25 -26.61 20.72 -29.19
CA VAL A 25 -26.09 19.83 -30.23
C VAL A 25 -27.08 18.74 -30.59
N GLU A 26 -26.90 18.18 -31.79
CA GLU A 26 -27.72 17.08 -32.28
C GLU A 26 -26.87 15.82 -32.23
N VAL A 27 -27.08 14.99 -31.21
CA VAL A 27 -26.40 13.71 -31.09
C VAL A 27 -27.10 12.61 -31.93
N ARG A 28 -26.35 11.93 -32.80
CA ARG A 28 -26.87 10.77 -33.52
C ARG A 28 -26.05 9.53 -33.21
N TRP A 29 -26.61 8.37 -33.54
CA TRP A 29 -25.98 7.09 -33.27
C TRP A 29 -25.83 6.28 -34.55
N VAL A 30 -24.76 5.49 -34.67
CA VAL A 30 -24.54 4.65 -35.83
C VAL A 30 -23.83 3.38 -35.39
N ASP A 31 -24.00 2.31 -36.15
CA ASP A 31 -23.33 1.06 -35.87
C ASP A 31 -21.93 1.10 -36.47
N GLY A 32 -20.96 1.57 -35.68
CA GLY A 32 -19.62 1.80 -36.18
C GLY A 32 -18.86 0.63 -36.82
N PRO A 33 -18.83 -0.52 -36.16
CA PRO A 33 -18.30 -1.75 -36.79
C PRO A 33 -18.81 -1.98 -38.21
N ASP A 34 -20.06 -1.60 -38.51
CA ASP A 34 -20.63 -1.77 -39.84
C ASP A 34 -20.17 -0.69 -40.83
N ARG A 35 -19.23 -1.05 -41.70
CA ARG A 35 -18.55 -0.10 -42.58
C ARG A 35 -19.49 0.77 -43.40
N ASP A 36 -20.46 0.16 -44.04
CA ASP A 36 -21.33 0.88 -44.94
C ASP A 36 -22.19 1.90 -44.22
N LYS A 37 -22.64 1.55 -43.01
CA LYS A 37 -23.40 2.46 -42.17
C LYS A 37 -22.54 3.64 -41.73
N LEU A 38 -21.34 3.34 -41.22
CA LEU A 38 -20.46 4.37 -40.68
C LEU A 38 -20.19 5.39 -41.75
N LEU A 39 -19.80 4.90 -42.93
CA LEU A 39 -19.43 5.76 -44.05
C LEU A 39 -20.64 6.54 -44.59
N ALA A 40 -21.84 5.98 -44.43
CA ALA A 40 -23.03 6.71 -44.84
C ALA A 40 -23.37 7.86 -43.89
N ALA A 41 -23.06 7.70 -42.59
CA ALA A 41 -23.48 8.66 -41.58
C ALA A 41 -22.44 9.71 -41.29
N VAL A 42 -21.18 9.38 -41.49
CA VAL A 42 -20.11 10.25 -41.03
C VAL A 42 -20.00 11.59 -41.77
N PRO A 43 -20.47 11.66 -43.03
CA PRO A 43 -20.37 12.90 -43.82
C PRO A 43 -20.91 14.16 -43.14
N GLU A 44 -21.92 14.03 -42.31
CA GLU A 44 -22.48 15.25 -41.71
C GLU A 44 -21.93 15.49 -40.31
N ALA A 45 -21.00 14.65 -39.90
CA ALA A 45 -20.52 14.68 -38.52
C ALA A 45 -19.56 15.81 -38.27
N ASP A 46 -19.81 16.57 -37.20
CA ASP A 46 -18.85 17.55 -36.68
C ASP A 46 -17.94 16.87 -35.68
N ALA A 47 -18.51 15.97 -34.90
CA ALA A 47 -17.75 15.28 -33.88
C ALA A 47 -18.03 13.80 -34.03
N LEU A 48 -17.03 12.99 -33.72
CA LEU A 48 -17.24 11.54 -33.81
C LEU A 48 -16.72 10.87 -32.54
N LEU A 49 -17.62 10.23 -31.78
CA LEU A 49 -17.17 9.47 -30.59
C LEU A 49 -17.24 8.01 -30.86
N VAL A 50 -16.35 7.31 -30.19
CA VAL A 50 -15.99 5.97 -30.58
C VAL A 50 -15.41 5.28 -29.35
N ARG A 51 -15.42 3.95 -29.32
CA ARG A 51 -14.82 3.24 -28.22
C ARG A 51 -13.62 2.47 -28.67
N SER A 52 -13.85 1.25 -29.14
CA SER A 52 -12.76 0.43 -29.64
C SER A 52 -13.23 -0.44 -30.77
N ALA A 53 -14.54 -0.64 -30.86
CA ALA A 53 -15.10 -1.49 -31.91
C ALA A 53 -14.94 -0.83 -33.28
N THR A 54 -15.11 0.49 -33.33
CA THR A 54 -15.03 1.24 -34.58
C THR A 54 -13.60 1.70 -34.86
N THR A 55 -13.22 1.63 -36.14
CA THR A 55 -11.89 2.12 -36.53
C THR A 55 -12.00 3.43 -37.32
N VAL A 56 -11.26 4.42 -36.85
CA VAL A 56 -11.28 5.72 -37.46
C VAL A 56 -9.99 5.83 -38.23
N ASP A 57 -9.99 5.19 -39.40
CA ASP A 57 -8.86 5.22 -40.32
C ASP A 57 -9.04 6.31 -41.38
N ALA A 58 -8.06 6.43 -42.27
CA ALA A 58 -8.09 7.40 -43.36
C ALA A 58 -9.41 7.38 -44.17
N GLU A 59 -9.89 6.21 -44.56
CA GLU A 59 -11.12 6.15 -45.33
C GLU A 59 -12.26 6.88 -44.61
N VAL A 60 -12.39 6.62 -43.31
CA VAL A 60 -13.46 7.25 -42.55
C VAL A 60 -13.25 8.77 -42.55
N LEU A 61 -12.00 9.18 -42.30
CA LEU A 61 -11.66 10.60 -42.24
C LEU A 61 -11.91 11.31 -43.56
N ALA A 62 -11.53 10.67 -44.66
CA ALA A 62 -11.73 11.25 -45.99
C ALA A 62 -13.21 11.40 -46.34
N ALA A 63 -14.08 10.66 -45.66
CA ALA A 63 -15.49 10.71 -45.97
C ALA A 63 -16.23 11.71 -45.06
N ALA A 64 -15.47 12.28 -44.12
CA ALA A 64 -15.99 13.17 -43.09
C ALA A 64 -15.44 14.59 -43.24
N PRO A 65 -15.94 15.33 -44.22
CA PRO A 65 -15.35 16.62 -44.61
C PRO A 65 -15.44 17.73 -43.58
N LYS A 66 -16.38 17.73 -42.65
CA LYS A 66 -16.42 18.81 -41.66
C LYS A 66 -16.21 18.35 -40.22
N LEU A 67 -15.58 17.18 -40.09
CA LEU A 67 -15.26 16.53 -38.84
C LEU A 67 -14.23 17.36 -38.09
N LYS A 68 -14.48 17.69 -36.83
CA LYS A 68 -13.54 18.51 -36.09
C LYS A 68 -12.81 17.83 -34.91
N ILE A 69 -13.50 16.88 -34.26
CA ILE A 69 -12.96 16.08 -33.15
C ILE A 69 -13.27 14.61 -33.39
N VAL A 70 -12.27 13.77 -33.17
CA VAL A 70 -12.51 12.36 -32.99
C VAL A 70 -12.20 12.10 -31.52
N ALA A 71 -13.19 11.60 -30.79
CA ALA A 71 -12.98 11.26 -29.39
C ALA A 71 -13.13 9.77 -29.13
N ARG A 72 -12.11 9.23 -28.50
CA ARG A 72 -12.13 7.85 -28.05
C ARG A 72 -12.44 7.74 -26.55
N ALA A 73 -13.64 7.27 -26.22
CA ALA A 73 -13.94 6.98 -24.82
C ALA A 73 -13.09 5.80 -24.37
N GLY A 74 -11.86 6.10 -23.94
CA GLY A 74 -10.92 5.13 -23.42
C GLY A 74 -9.51 5.71 -23.34
N VAL A 75 -8.52 4.82 -23.35
CA VAL A 75 -7.12 5.23 -23.18
C VAL A 75 -6.30 4.80 -24.37
N GLY A 76 -6.62 3.63 -24.93
CA GLY A 76 -5.96 3.19 -26.15
C GLY A 76 -6.31 4.13 -27.29
N LEU A 77 -5.41 4.21 -28.27
CA LEU A 77 -5.67 4.94 -29.51
C LEU A 77 -5.48 4.03 -30.71
N ASP A 78 -5.36 2.74 -30.44
CA ASP A 78 -5.14 1.73 -31.49
C ASP A 78 -6.09 1.79 -32.68
N ASN A 79 -7.36 2.15 -32.45
CA ASN A 79 -8.38 2.16 -33.50
C ASN A 79 -8.59 3.52 -34.15
N VAL A 80 -7.66 4.42 -33.92
CA VAL A 80 -7.70 5.74 -34.51
C VAL A 80 -6.35 6.02 -35.13
N ASP A 81 -6.35 6.32 -36.42
CA ASP A 81 -5.17 6.77 -37.13
C ASP A 81 -4.95 8.25 -36.80
N VAL A 82 -4.15 8.50 -35.76
CA VAL A 82 -3.99 9.87 -35.26
C VAL A 82 -3.17 10.70 -36.22
N ASP A 83 -2.25 10.04 -36.93
CA ASP A 83 -1.42 10.73 -37.89
C ASP A 83 -2.34 11.31 -38.95
N ALA A 84 -3.23 10.47 -39.49
CA ALA A 84 -4.15 10.91 -40.51
C ALA A 84 -5.07 12.03 -40.02
N ALA A 85 -5.52 11.95 -38.77
CA ALA A 85 -6.40 13.00 -38.26
C ALA A 85 -5.63 14.33 -38.13
N THR A 86 -4.41 14.26 -37.64
CA THR A 86 -3.56 15.45 -37.59
C THR A 86 -3.39 16.04 -38.98
N ALA A 87 -3.07 15.16 -39.93
CA ALA A 87 -2.87 15.55 -41.33
C ALA A 87 -4.05 16.33 -41.90
N ARG A 88 -5.26 15.97 -41.47
CA ARG A 88 -6.51 16.59 -41.95
C ARG A 88 -7.05 17.69 -41.03
N GLY A 89 -6.29 18.02 -39.98
CA GLY A 89 -6.68 19.07 -39.04
C GLY A 89 -7.68 18.64 -37.96
N VAL A 90 -7.79 17.33 -37.76
CA VAL A 90 -8.79 16.78 -36.86
C VAL A 90 -8.21 16.55 -35.48
N LEU A 91 -8.81 17.23 -34.50
CA LEU A 91 -8.44 17.05 -33.11
C LEU A 91 -8.80 15.65 -32.68
N VAL A 92 -7.82 14.92 -32.15
CA VAL A 92 -8.10 13.66 -31.49
C VAL A 92 -7.99 13.80 -29.96
N VAL A 93 -8.91 13.17 -29.27
CA VAL A 93 -9.00 13.27 -27.83
C VAL A 93 -9.27 11.87 -27.28
N ASN A 94 -8.77 11.58 -26.09
CA ASN A 94 -9.17 10.35 -25.40
C ASN A 94 -9.58 10.65 -23.97
N ALA A 95 -9.53 9.63 -23.12
CA ALA A 95 -9.91 9.78 -21.71
C ALA A 95 -8.82 9.15 -20.87
N PRO A 96 -7.74 9.90 -20.64
CA PRO A 96 -6.49 9.30 -20.17
C PRO A 96 -6.46 8.88 -18.68
N THR A 97 -7.29 9.50 -17.83
CA THR A 97 -7.38 9.12 -16.43
C THR A 97 -8.71 8.41 -16.12
N SER A 98 -9.40 7.92 -17.16
CA SER A 98 -10.72 7.37 -16.94
C SER A 98 -10.67 5.97 -16.34
N ASN A 99 -9.53 5.29 -16.49
CA ASN A 99 -9.48 3.92 -15.96
C ASN A 99 -8.63 3.73 -14.71
N ILE A 100 -8.01 4.81 -14.21
CA ILE A 100 -6.99 4.63 -13.17
C ILE A 100 -7.45 3.95 -11.88
N HIS A 101 -8.66 4.26 -11.45
CA HIS A 101 -9.13 3.56 -10.26
C HIS A 101 -9.45 2.08 -10.49
N SER A 102 -10.21 1.78 -11.54
CA SER A 102 -10.58 0.39 -11.82
C SER A 102 -9.33 -0.46 -12.06
N ALA A 103 -8.29 0.17 -12.60
CA ALA A 103 -7.05 -0.55 -12.89
C ALA A 103 -6.17 -0.72 -11.64
N ALA A 104 -6.05 0.34 -10.82
CA ALA A 104 -5.39 0.19 -9.52
C ALA A 104 -6.05 -0.95 -8.74
N GLU A 105 -7.39 -0.93 -8.72
CA GLU A 105 -8.12 -1.87 -7.89
C GLU A 105 -7.86 -3.26 -8.41
N HIS A 106 -7.72 -3.38 -9.72
CA HIS A 106 -7.49 -4.69 -10.28
C HIS A 106 -6.09 -5.20 -9.98
N ALA A 107 -5.15 -4.27 -9.83
CA ALA A 107 -3.79 -4.66 -9.50
C ALA A 107 -3.86 -5.22 -8.10
N LEU A 108 -4.51 -4.48 -7.21
CA LEU A 108 -4.69 -4.94 -5.84
C LEU A 108 -5.44 -6.28 -5.79
N ALA A 109 -6.53 -6.37 -6.56
CA ALA A 109 -7.27 -7.63 -6.65
C ALA A 109 -6.33 -8.80 -6.96
N LEU A 110 -5.39 -8.59 -7.88
CA LEU A 110 -4.53 -9.64 -8.37
C LEU A 110 -3.42 -9.92 -7.35
N LEU A 111 -2.86 -8.88 -6.75
CA LEU A 111 -1.93 -9.08 -5.66
C LEU A 111 -2.54 -10.01 -4.59
N LEU A 112 -3.73 -9.66 -4.11
CA LEU A 112 -4.42 -10.47 -3.10
C LEU A 112 -4.85 -11.85 -3.58
N ALA A 113 -5.43 -11.93 -4.76
CA ALA A 113 -5.79 -13.23 -5.31
C ALA A 113 -4.56 -14.16 -5.41
N ALA A 114 -3.41 -13.59 -5.73
CA ALA A 114 -2.25 -14.44 -5.94
C ALA A 114 -1.67 -14.86 -4.62
N SER A 115 -1.56 -13.94 -3.67
CA SER A 115 -1.00 -14.29 -2.36
C SER A 115 -1.88 -15.23 -1.56
N ARG A 116 -3.19 -15.19 -1.80
CA ARG A 116 -4.11 -16.08 -1.09
C ARG A 116 -4.69 -17.21 -1.96
N GLN A 117 -4.15 -17.37 -3.16
CA GLN A 117 -4.46 -18.52 -4.00
C GLN A 117 -5.94 -18.71 -4.22
N ILE A 118 -6.66 -17.61 -4.35
CA ILE A 118 -8.12 -17.63 -4.45
C ILE A 118 -8.67 -18.50 -5.57
N PRO A 119 -8.28 -18.26 -6.82
CA PRO A 119 -8.93 -19.02 -7.91
C PRO A 119 -8.81 -20.52 -7.70
N ALA A 120 -7.64 -20.99 -7.29
CA ALA A 120 -7.46 -22.43 -7.06
C ALA A 120 -8.32 -22.94 -5.88
N ALA A 121 -8.36 -22.17 -4.79
CA ALA A 121 -9.20 -22.52 -3.65
C ALA A 121 -10.65 -22.62 -4.10
N ASP A 122 -11.13 -21.59 -4.78
CA ASP A 122 -12.51 -21.53 -5.25
C ASP A 122 -12.80 -22.72 -6.12
N ALA A 123 -11.82 -23.08 -6.95
CA ALA A 123 -11.93 -24.26 -7.79
C ALA A 123 -12.03 -25.56 -6.98
N SER A 124 -11.28 -25.67 -5.90
CA SER A 124 -11.31 -26.88 -5.09
C SER A 124 -12.71 -27.11 -4.47
N LEU A 125 -13.36 -26.02 -4.03
CA LEU A 125 -14.73 -26.12 -3.54
C LEU A 125 -15.74 -26.36 -4.68
N ARG A 126 -15.39 -25.88 -5.87
CA ARG A 126 -16.21 -26.05 -7.07
C ARG A 126 -16.26 -27.54 -7.44
N GLU A 127 -15.17 -28.24 -7.16
CA GLU A 127 -15.01 -29.67 -7.41
C GLU A 127 -15.58 -30.52 -6.26
N HIS A 128 -16.09 -29.85 -5.23
CA HIS A 128 -16.74 -30.51 -4.11
C HIS A 128 -15.77 -31.23 -3.18
N THR A 129 -14.61 -30.62 -2.92
CA THR A 129 -13.71 -31.12 -1.89
C THR A 129 -13.12 -30.03 -1.00
N TRP A 130 -12.55 -30.44 0.11
CA TRP A 130 -12.11 -29.52 1.15
C TRP A 130 -10.61 -29.59 1.33
N LYS A 131 -9.87 -28.82 0.54
CA LYS A 131 -8.42 -28.92 0.61
C LYS A 131 -7.76 -27.78 1.38
N ARG A 132 -8.48 -27.26 2.38
CA ARG A 132 -7.94 -26.28 3.31
C ARG A 132 -6.47 -26.51 3.67
N SER A 133 -6.13 -27.71 4.12
CA SER A 133 -4.75 -28.07 4.49
C SER A 133 -3.68 -27.77 3.42
N SER A 134 -4.05 -27.78 2.15
CA SER A 134 -3.09 -27.65 1.06
C SER A 134 -2.64 -26.22 0.76
N PHE A 135 -3.47 -25.24 1.11
CA PHE A 135 -3.19 -23.86 0.78
C PHE A 135 -2.35 -23.18 1.83
N SER A 136 -1.68 -22.12 1.42
CA SER A 136 -0.86 -21.31 2.35
C SER A 136 -0.58 -19.91 1.80
N GLY A 137 -1.32 -18.92 2.31
CA GLY A 137 -1.21 -17.56 1.86
C GLY A 137 0.01 -16.81 2.37
N THR A 138 0.13 -15.56 1.93
CA THR A 138 1.22 -14.68 2.32
C THR A 138 0.66 -13.37 2.86
N GLU A 139 1.04 -13.05 4.08
CA GLU A 139 0.57 -11.82 4.71
C GLU A 139 1.25 -10.61 4.09
N ILE A 140 0.50 -9.53 3.93
CA ILE A 140 1.02 -8.28 3.41
C ILE A 140 1.52 -7.35 4.51
N PHE A 141 0.90 -7.39 5.67
CA PHE A 141 1.29 -6.45 6.71
C PHE A 141 2.80 -6.48 7.01
N GLY A 142 3.43 -5.31 7.06
CA GLY A 142 4.82 -5.24 7.50
C GLY A 142 5.80 -5.52 6.37
N LYS A 143 5.28 -5.92 5.22
CA LYS A 143 6.14 -6.34 4.13
C LYS A 143 6.57 -5.16 3.31
N THR A 144 7.60 -5.36 2.48
CA THR A 144 8.02 -4.31 1.53
C THR A 144 7.41 -4.50 0.13
N VAL A 145 6.77 -3.44 -0.38
CA VAL A 145 6.16 -3.54 -1.71
C VAL A 145 6.83 -2.60 -2.68
N GLY A 146 7.38 -3.17 -3.75
CA GLY A 146 8.02 -2.37 -4.79
C GLY A 146 7.10 -2.03 -5.96
N VAL A 147 6.87 -0.73 -6.14
CA VAL A 147 6.08 -0.25 -7.28
C VAL A 147 7.03 0.20 -8.40
N VAL A 148 6.89 -0.41 -9.56
CA VAL A 148 7.80 -0.09 -10.66
C VAL A 148 7.07 0.82 -11.61
N GLY A 149 7.42 2.09 -11.58
CA GLY A 149 6.70 3.12 -12.34
C GLY A 149 5.66 3.81 -11.49
N LEU A 150 5.85 5.12 -11.25
CA LEU A 150 5.06 5.85 -10.26
C LEU A 150 4.19 6.91 -10.89
N GLY A 151 3.48 6.54 -11.96
CA GLY A 151 2.51 7.46 -12.51
C GLY A 151 1.20 7.32 -11.75
N ARG A 152 0.14 7.98 -12.22
CA ARG A 152 -1.15 7.95 -11.54
C ARG A 152 -1.52 6.57 -10.92
N ILE A 153 -1.54 5.52 -11.72
CA ILE A 153 -1.95 4.21 -11.17
C ILE A 153 -0.99 3.66 -10.09
N GLY A 154 0.31 3.65 -10.36
CA GLY A 154 1.27 3.19 -9.37
C GLY A 154 1.13 4.00 -8.08
N GLN A 155 0.76 5.27 -8.22
CA GLN A 155 0.53 6.13 -7.06
C GLN A 155 -0.73 5.65 -6.33
N LEU A 156 -1.81 5.41 -7.07
CA LEU A 156 -3.01 4.87 -6.42
C LEU A 156 -2.70 3.51 -5.77
N VAL A 157 -1.92 2.66 -6.43
CA VAL A 157 -1.65 1.37 -5.85
C VAL A 157 -0.80 1.58 -4.59
N ALA A 158 0.23 2.43 -4.68
CA ALA A 158 1.04 2.64 -3.49
C ALA A 158 0.14 3.04 -2.35
N GLN A 159 -0.83 3.91 -2.61
CA GLN A 159 -1.62 4.45 -1.50
C GLN A 159 -2.51 3.39 -0.88
N ARG A 160 -3.15 2.58 -1.72
CA ARG A 160 -3.95 1.49 -1.20
C ARG A 160 -3.12 0.51 -0.43
N ILE A 161 -1.97 0.14 -0.97
CA ILE A 161 -1.18 -0.91 -0.36
C ILE A 161 -0.66 -0.40 0.99
N ALA A 162 -0.43 0.91 1.11
CA ALA A 162 0.18 1.42 2.36
C ALA A 162 -0.77 1.26 3.55
N ALA A 163 -2.07 1.32 3.27
CA ALA A 163 -3.02 1.17 4.33
C ALA A 163 -3.03 -0.28 4.85
N PHE A 164 -2.48 -1.22 4.09
CA PHE A 164 -2.34 -2.59 4.61
C PHE A 164 -1.11 -2.72 5.51
N GLY A 165 -0.43 -1.60 5.79
CA GLY A 165 0.70 -1.60 6.70
C GLY A 165 1.97 -2.12 6.05
N ALA A 166 2.05 -2.00 4.72
CA ALA A 166 3.26 -2.31 3.95
C ALA A 166 4.10 -1.05 3.77
N TYR A 167 5.42 -1.18 3.81
CA TYR A 167 6.31 -0.09 3.39
C TYR A 167 6.37 -0.11 1.87
N VAL A 168 6.33 1.06 1.27
CA VAL A 168 6.33 1.12 -0.17
C VAL A 168 7.60 1.76 -0.69
N VAL A 169 8.22 1.08 -1.67
CA VAL A 169 9.31 1.70 -2.41
C VAL A 169 8.96 1.78 -3.88
N ALA A 170 9.61 2.69 -4.60
CA ALA A 170 9.36 2.80 -6.03
C ALA A 170 10.64 3.01 -6.79
N TYR A 171 10.54 2.64 -8.07
CA TYR A 171 11.56 2.91 -9.05
C TYR A 171 10.83 3.68 -10.14
N ASP A 172 11.29 4.91 -10.41
CA ASP A 172 10.76 5.72 -11.50
C ASP A 172 11.68 6.92 -11.66
N PRO A 173 12.55 6.83 -12.64
CA PRO A 173 13.44 7.95 -12.95
C PRO A 173 12.65 9.15 -13.50
N TYR A 174 11.34 9.05 -13.77
CA TYR A 174 10.58 10.20 -14.30
C TYR A 174 9.60 10.80 -13.26
N VAL A 175 9.91 10.57 -11.99
CA VAL A 175 9.27 11.27 -10.90
C VAL A 175 10.37 12.00 -10.15
N SER A 176 10.13 13.25 -9.75
CA SER A 176 11.21 13.88 -8.96
C SER A 176 11.24 13.35 -7.54
N PRO A 177 12.42 13.39 -6.91
CA PRO A 177 12.56 13.03 -5.51
C PRO A 177 11.63 13.79 -4.56
N ALA A 178 11.51 15.11 -4.70
CA ALA A 178 10.60 15.85 -3.85
C ALA A 178 9.18 15.27 -4.01
N ARG A 179 8.79 14.94 -5.22
CA ARG A 179 7.42 14.46 -5.39
C ARG A 179 7.27 13.09 -4.68
N ALA A 180 8.27 12.24 -4.81
CA ALA A 180 8.16 10.92 -4.21
C ALA A 180 8.10 11.03 -2.69
N ALA A 181 8.93 11.91 -2.15
CA ALA A 181 8.90 12.19 -0.73
C ALA A 181 7.55 12.84 -0.30
N GLN A 182 6.97 13.73 -1.07
CA GLN A 182 5.62 14.16 -0.72
C GLN A 182 4.70 12.96 -0.63
N LEU A 183 4.90 11.99 -1.50
CA LEU A 183 4.07 10.80 -1.45
C LEU A 183 4.42 9.89 -0.28
N GLY A 184 5.57 10.11 0.37
CA GLY A 184 5.93 9.27 1.48
C GLY A 184 6.42 7.94 0.88
N ILE A 185 6.96 8.00 -0.35
CA ILE A 185 7.53 6.83 -1.02
C ILE A 185 9.04 6.96 -1.19
N GLU A 186 9.76 5.88 -0.96
CA GLU A 186 11.23 5.96 -1.07
C GLU A 186 11.62 5.58 -2.51
N LEU A 187 12.43 6.42 -3.17
CA LEU A 187 12.84 6.17 -4.55
C LEU A 187 14.14 5.38 -4.59
N LEU A 188 14.12 4.32 -5.38
CA LEU A 188 15.23 3.40 -5.46
C LEU A 188 15.67 3.13 -6.91
N SER A 189 16.94 2.77 -7.07
CA SER A 189 17.38 2.08 -8.29
C SER A 189 16.55 0.81 -8.50
N LEU A 190 16.40 0.40 -9.75
CA LEU A 190 15.62 -0.82 -10.01
C LEU A 190 16.29 -1.95 -9.27
N ASP A 191 17.62 -1.88 -9.14
CA ASP A 191 18.36 -2.98 -8.53
C ASP A 191 18.02 -3.10 -7.06
N ASP A 192 17.91 -1.94 -6.43
CA ASP A 192 17.65 -1.88 -5.02
C ASP A 192 16.20 -2.25 -4.73
N LEU A 193 15.29 -1.84 -5.60
CA LEU A 193 13.89 -2.25 -5.48
C LEU A 193 13.80 -3.77 -5.52
N LEU A 194 14.38 -4.35 -6.56
CA LEU A 194 14.43 -5.80 -6.73
C LEU A 194 14.92 -6.57 -5.50
N ALA A 195 15.94 -6.03 -4.85
CA ALA A 195 16.58 -6.72 -3.74
C ALA A 195 15.66 -6.76 -2.52
N ARG A 196 14.92 -5.68 -2.33
CA ARG A 196 14.17 -5.39 -1.12
C ARG A 196 12.71 -5.78 -1.13
N ALA A 197 12.11 -5.96 -2.30
CA ALA A 197 10.66 -6.07 -2.38
C ALA A 197 10.14 -7.47 -2.11
N ASP A 198 9.16 -7.59 -1.22
CA ASP A 198 8.43 -8.84 -1.02
C ASP A 198 7.32 -8.95 -2.06
N PHE A 199 6.70 -7.80 -2.40
CA PHE A 199 5.76 -7.71 -3.54
C PHE A 199 6.24 -6.69 -4.58
N ILE A 200 6.03 -7.01 -5.86
CA ILE A 200 6.33 -6.07 -6.95
C ILE A 200 5.09 -5.88 -7.79
N SER A 201 4.71 -4.63 -8.01
CA SER A 201 3.60 -4.36 -8.92
C SER A 201 4.12 -3.48 -10.04
N VAL A 202 3.95 -3.90 -11.30
CA VAL A 202 4.48 -3.06 -12.38
C VAL A 202 3.46 -2.05 -12.93
N HIS A 203 3.97 -0.85 -13.19
CA HIS A 203 3.12 0.27 -13.58
C HIS A 203 3.78 1.19 -14.62
N LEU A 204 4.54 0.56 -15.51
CA LEU A 204 5.19 1.21 -16.63
C LEU A 204 4.27 1.26 -17.85
N PRO A 205 4.44 2.28 -18.69
CA PRO A 205 3.86 2.25 -20.04
C PRO A 205 4.76 1.39 -20.95
N LYS A 206 4.24 0.93 -22.09
CA LYS A 206 5.12 0.23 -23.03
C LYS A 206 5.77 1.19 -24.02
N THR A 207 7.09 1.20 -23.97
CA THR A 207 7.92 1.97 -24.86
C THR A 207 9.07 1.00 -25.05
N PRO A 208 9.92 1.20 -26.05
CA PRO A 208 11.06 0.29 -26.22
C PRO A 208 12.04 0.37 -25.03
N GLU A 209 11.99 1.46 -24.27
CA GLU A 209 12.81 1.67 -23.07
C GLU A 209 12.37 0.76 -21.90
N THR A 210 11.15 0.25 -22.02
CA THR A 210 10.42 -0.40 -20.95
C THR A 210 10.27 -1.90 -21.25
N ALA A 211 10.05 -2.21 -22.52
CA ALA A 211 9.65 -3.55 -22.92
C ALA A 211 10.60 -4.60 -22.37
N GLY A 212 10.02 -5.56 -21.65
CA GLY A 212 10.80 -6.67 -21.09
C GLY A 212 11.76 -6.25 -19.98
N LEU A 213 11.51 -5.08 -19.38
CA LEU A 213 12.30 -4.55 -18.27
C LEU A 213 12.71 -5.62 -17.27
N ILE A 214 11.73 -6.38 -16.80
CA ILE A 214 11.96 -7.41 -15.82
C ILE A 214 12.12 -8.75 -16.54
N ASP A 215 13.39 -9.07 -16.82
CA ASP A 215 13.76 -10.28 -17.57
C ASP A 215 14.31 -11.33 -16.63
N LYS A 216 14.84 -12.42 -17.17
CA LYS A 216 15.49 -13.44 -16.35
C LYS A 216 16.48 -12.79 -15.38
N GLU A 217 17.32 -11.90 -15.89
CA GLU A 217 18.34 -11.30 -15.02
C GLU A 217 17.74 -10.53 -13.84
N ALA A 218 16.60 -9.89 -14.06
CA ALA A 218 15.93 -9.15 -12.99
C ALA A 218 15.25 -10.12 -12.01
N LEU A 219 14.40 -11.00 -12.54
CA LEU A 219 13.80 -12.08 -11.78
C LEU A 219 14.83 -12.83 -10.90
N ALA A 220 16.09 -12.81 -11.25
CA ALA A 220 17.08 -13.54 -10.45
C ALA A 220 17.62 -12.73 -9.27
N LYS A 221 17.37 -11.42 -9.30
CA LYS A 221 17.83 -10.51 -8.25
C LYS A 221 16.76 -10.27 -7.19
N THR A 222 15.57 -10.80 -7.39
CA THR A 222 14.51 -10.51 -6.45
C THR A 222 14.71 -11.34 -5.22
N LYS A 223 13.96 -11.02 -4.16
CA LYS A 223 13.88 -11.81 -2.94
C LYS A 223 13.22 -13.17 -3.19
N PRO A 224 13.80 -14.26 -2.67
CA PRO A 224 13.11 -15.56 -2.67
C PRO A 224 11.77 -15.42 -1.97
N GLY A 225 10.69 -15.83 -2.62
CA GLY A 225 9.38 -15.78 -1.99
C GLY A 225 8.52 -14.61 -2.48
N VAL A 226 9.11 -13.76 -3.34
CA VAL A 226 8.44 -12.62 -3.94
C VAL A 226 7.17 -13.00 -4.72
N ILE A 227 6.19 -12.11 -4.69
CA ILE A 227 5.00 -12.23 -5.50
C ILE A 227 4.98 -11.01 -6.42
N ILE A 228 4.79 -11.24 -7.73
CA ILE A 228 4.89 -10.20 -8.78
C ILE A 228 3.57 -9.99 -9.47
N VAL A 229 3.16 -8.75 -9.61
CA VAL A 229 1.94 -8.47 -10.36
C VAL A 229 2.17 -7.54 -11.55
N ASN A 230 1.55 -7.88 -12.68
CA ASN A 230 1.56 -7.03 -13.84
C ASN A 230 0.16 -6.82 -14.40
N ALA A 231 -0.43 -5.67 -14.07
CA ALA A 231 -1.74 -5.35 -14.58
C ALA A 231 -1.61 -4.21 -15.56
N ALA A 232 -0.36 -3.89 -15.90
CA ALA A 232 -0.02 -2.70 -16.67
C ALA A 232 -0.02 -2.94 -18.18
N ARG A 233 0.92 -3.76 -18.64
CA ARG A 233 1.26 -3.77 -20.03
C ARG A 233 1.91 -5.05 -20.48
N GLY A 234 1.28 -5.68 -21.46
CA GLY A 234 1.92 -6.58 -22.39
C GLY A 234 3.03 -7.43 -21.83
N GLY A 235 4.27 -7.16 -22.17
CA GLY A 235 5.30 -8.08 -21.75
C GLY A 235 6.32 -7.50 -20.81
N LEU A 236 5.94 -6.52 -20.00
CA LEU A 236 6.88 -5.89 -19.06
C LEU A 236 7.65 -6.93 -18.23
N VAL A 237 6.99 -8.00 -17.81
CA VAL A 237 7.66 -9.13 -17.19
C VAL A 237 7.79 -10.25 -18.19
N ASP A 238 9.02 -10.61 -18.51
CA ASP A 238 9.25 -11.66 -19.50
C ASP A 238 8.48 -12.91 -19.12
N GLU A 239 7.57 -13.33 -19.99
CA GLU A 239 6.66 -14.39 -19.64
C GLU A 239 7.37 -15.70 -19.39
N ALA A 240 8.40 -15.99 -20.17
CA ALA A 240 9.07 -17.28 -20.01
C ALA A 240 9.95 -17.27 -18.76
N ALA A 241 10.60 -16.14 -18.50
CA ALA A 241 11.44 -16.02 -17.32
C ALA A 241 10.57 -16.19 -16.07
N LEU A 242 9.40 -15.55 -16.10
CA LEU A 242 8.44 -15.70 -15.03
C LEU A 242 8.14 -17.18 -14.82
N ALA A 243 7.69 -17.86 -15.87
CA ALA A 243 7.31 -19.26 -15.75
C ALA A 243 8.41 -20.08 -15.12
N ASP A 244 9.63 -19.89 -15.61
CA ASP A 244 10.79 -20.59 -15.09
C ASP A 244 10.94 -20.38 -13.60
N ALA A 245 10.89 -19.13 -13.16
CA ALA A 245 11.14 -18.80 -11.76
C ALA A 245 10.02 -19.25 -10.82
N ILE A 246 8.80 -19.34 -11.37
CA ILE A 246 7.63 -19.87 -10.64
C ILE A 246 7.83 -21.34 -10.35
N THR A 247 7.95 -22.12 -11.44
CA THR A 247 8.29 -23.54 -11.38
C THR A 247 9.50 -23.77 -10.48
N GLY A 248 10.64 -23.18 -10.83
CA GLY A 248 11.86 -23.29 -10.05
C GLY A 248 11.74 -22.93 -8.57
N GLY A 249 10.61 -22.33 -8.19
CA GLY A 249 10.33 -21.99 -6.80
C GLY A 249 10.53 -20.54 -6.41
N HIS A 250 11.51 -19.88 -7.03
CA HIS A 250 12.01 -18.58 -6.57
C HIS A 250 10.98 -17.47 -6.37
N VAL A 251 10.09 -17.29 -7.33
CA VAL A 251 8.99 -16.38 -7.09
C VAL A 251 7.79 -17.25 -6.73
N ARG A 252 7.13 -16.88 -5.63
CA ARG A 252 6.11 -17.72 -5.04
C ARG A 252 4.85 -17.70 -5.89
N ALA A 253 4.44 -16.51 -6.32
CA ALA A 253 3.20 -16.38 -7.08
C ALA A 253 3.24 -15.15 -7.98
N ALA A 254 2.20 -15.01 -8.81
CA ALA A 254 2.12 -13.91 -9.74
C ALA A 254 0.69 -13.67 -10.21
N GLY A 255 0.44 -12.43 -10.64
CA GLY A 255 -0.84 -12.07 -11.20
C GLY A 255 -0.59 -11.31 -12.47
N LEU A 256 -1.23 -11.76 -13.54
CA LEU A 256 -1.07 -11.16 -14.85
C LEU A 256 -2.43 -10.81 -15.43
N ASP A 257 -2.55 -9.61 -15.98
CA ASP A 257 -3.80 -9.18 -16.55
C ASP A 257 -3.62 -8.85 -18.02
N VAL A 258 -2.37 -8.86 -18.46
CA VAL A 258 -2.01 -8.41 -19.79
C VAL A 258 -0.95 -9.36 -20.34
N PHE A 259 -0.90 -9.53 -21.65
CA PHE A 259 -0.01 -10.54 -22.24
C PHE A 259 0.85 -10.04 -23.39
N ALA A 260 2.01 -10.66 -23.58
CA ALA A 260 3.01 -10.15 -24.50
C ALA A 260 2.30 -9.96 -25.83
N THR A 261 1.65 -11.03 -26.28
CA THR A 261 0.77 -10.90 -27.41
C THR A 261 -0.64 -11.26 -26.99
N GLU A 262 -1.54 -10.28 -27.01
CA GLU A 262 -2.91 -10.55 -26.62
C GLU A 262 -3.62 -11.26 -27.76
N PRO A 263 -4.94 -11.24 -27.83
CA PRO A 263 -5.72 -12.48 -27.81
C PRO A 263 -4.82 -13.68 -27.45
N CYS A 264 -4.76 -13.97 -26.15
CA CYS A 264 -3.84 -14.98 -25.62
C CYS A 264 -4.54 -16.13 -24.89
N THR A 265 -4.55 -17.30 -25.53
CA THR A 265 -5.22 -18.47 -24.99
C THR A 265 -4.27 -19.64 -24.78
N ASP A 266 -2.96 -19.40 -24.90
CA ASP A 266 -2.02 -20.52 -24.91
C ASP A 266 -0.70 -20.31 -24.15
N SER A 267 -0.65 -19.32 -23.27
CA SER A 267 0.56 -19.13 -22.48
C SER A 267 0.81 -20.34 -21.59
N PRO A 268 2.06 -20.81 -21.54
CA PRO A 268 2.44 -21.82 -20.54
C PRO A 268 2.09 -21.38 -19.10
N LEU A 269 2.08 -20.07 -18.84
CA LEU A 269 1.69 -19.57 -17.54
C LEU A 269 0.30 -20.06 -17.16
N PHE A 270 -0.53 -20.37 -18.16
CA PHE A 270 -1.89 -20.86 -17.87
C PHE A 270 -1.88 -22.28 -17.30
N GLU A 271 -0.70 -22.89 -17.25
CA GLU A 271 -0.56 -24.24 -16.72
C GLU A 271 0.06 -24.24 -15.32
N LEU A 272 0.27 -23.05 -14.79
CA LEU A 272 0.80 -22.94 -13.43
C LEU A 272 -0.28 -22.43 -12.47
N ALA A 273 -0.52 -23.18 -11.41
CA ALA A 273 -1.57 -22.83 -10.47
C ALA A 273 -1.23 -21.56 -9.70
N GLN A 274 0.06 -21.40 -9.37
CA GLN A 274 0.52 -20.28 -8.57
C GLN A 274 0.61 -18.94 -9.34
N VAL A 275 0.06 -18.91 -10.54
CA VAL A 275 0.01 -17.68 -11.32
C VAL A 275 -1.45 -17.34 -11.59
N VAL A 276 -1.94 -16.26 -11.01
CA VAL A 276 -3.31 -15.84 -11.28
C VAL A 276 -3.34 -15.00 -12.55
N VAL A 277 -4.27 -15.32 -13.46
CA VAL A 277 -4.37 -14.63 -14.74
C VAL A 277 -5.79 -14.18 -15.08
N THR A 278 -5.89 -13.07 -15.81
CA THR A 278 -7.18 -12.51 -16.20
C THR A 278 -7.07 -11.85 -17.57
N PRO A 279 -8.12 -11.96 -18.36
CA PRO A 279 -8.06 -11.49 -19.76
C PRO A 279 -8.19 -9.97 -19.93
N HIS A 280 -7.12 -9.23 -19.62
CA HIS A 280 -7.12 -7.77 -19.77
C HIS A 280 -8.40 -7.10 -19.23
N LEU A 281 -8.80 -7.51 -18.03
CA LEU A 281 -9.80 -6.77 -17.27
C LEU A 281 -8.97 -5.70 -16.58
N GLY A 282 -9.57 -4.70 -16.00
CA GLY A 282 -8.62 -3.78 -15.38
C GLY A 282 -9.33 -2.51 -15.55
N ALA A 283 -9.70 -2.26 -16.80
CA ALA A 283 -10.67 -1.25 -17.13
C ALA A 283 -12.06 -1.84 -17.31
N SER A 284 -12.23 -3.14 -17.16
CA SER A 284 -13.56 -3.72 -17.51
C SER A 284 -14.60 -3.54 -16.41
N THR A 285 -15.27 -2.40 -16.44
CA THR A 285 -16.03 -1.91 -15.29
C THR A 285 -17.08 -0.86 -15.74
N ALA A 286 -18.34 -1.02 -15.36
CA ALA A 286 -19.31 0.02 -15.67
C ALA A 286 -18.78 1.41 -15.29
N GLU A 287 -18.20 1.54 -14.12
CA GLU A 287 -17.77 2.85 -13.68
C GLU A 287 -16.67 3.42 -14.61
N ALA A 288 -15.72 2.59 -15.02
CA ALA A 288 -14.61 3.05 -15.87
C ALA A 288 -15.06 3.41 -17.28
N GLN A 289 -15.98 2.61 -17.80
CA GLN A 289 -16.55 2.82 -19.13
C GLN A 289 -17.46 4.03 -19.11
N ASP A 290 -18.18 4.24 -18.02
CA ASP A 290 -18.93 5.49 -17.90
C ASP A 290 -17.98 6.68 -17.80
N ARG A 291 -16.99 6.64 -16.91
CA ARG A 291 -16.05 7.77 -16.77
C ARG A 291 -15.42 8.14 -18.13
N ALA A 292 -14.97 7.14 -18.88
CA ALA A 292 -14.50 7.34 -20.24
C ALA A 292 -15.50 8.16 -21.05
N GLY A 293 -16.77 7.73 -21.02
CA GLY A 293 -17.78 8.35 -21.86
C GLY A 293 -18.00 9.79 -21.42
N THR A 294 -18.04 10.05 -20.12
CA THR A 294 -18.41 11.38 -19.69
C THR A 294 -17.22 12.31 -19.77
N ASP A 295 -16.01 11.78 -19.63
CA ASP A 295 -14.80 12.55 -19.86
C ASP A 295 -14.75 13.07 -21.29
N VAL A 296 -14.79 12.14 -22.22
CA VAL A 296 -14.67 12.42 -23.63
C VAL A 296 -15.81 13.35 -24.08
N ALA A 297 -16.95 13.25 -23.41
CA ALA A 297 -18.09 14.08 -23.73
C ALA A 297 -17.82 15.54 -23.37
N GLU A 298 -17.14 15.76 -22.26
CA GLU A 298 -16.82 17.10 -21.85
C GLU A 298 -15.79 17.65 -22.84
N SER A 299 -14.82 16.80 -23.22
CA SER A 299 -13.77 17.20 -24.15
C SER A 299 -14.36 17.67 -25.45
N VAL A 300 -15.32 16.91 -25.98
CA VAL A 300 -16.03 17.30 -27.19
C VAL A 300 -16.77 18.61 -26.95
N ARG A 301 -17.30 18.82 -25.74
CA ARG A 301 -18.01 20.06 -25.46
C ARG A 301 -17.11 21.25 -25.62
N LEU A 302 -15.98 21.23 -24.92
CA LEU A 302 -15.00 22.31 -24.97
C LEU A 302 -14.55 22.53 -26.42
N ALA A 303 -14.20 21.44 -27.11
CA ALA A 303 -13.81 21.49 -28.51
C ALA A 303 -14.79 22.30 -29.36
N LEU A 304 -16.06 21.90 -29.36
CA LEU A 304 -17.08 22.62 -30.13
C LEU A 304 -17.26 24.07 -29.66
N ALA A 305 -17.12 24.29 -28.36
CA ALA A 305 -17.28 25.63 -27.79
C ALA A 305 -16.07 26.51 -28.06
N GLY A 306 -15.18 26.06 -28.93
CA GLY A 306 -13.96 26.78 -29.24
C GLY A 306 -13.09 27.02 -28.03
N GLU A 307 -13.21 26.17 -27.02
CA GLU A 307 -12.37 26.29 -25.84
C GLU A 307 -11.14 25.37 -25.88
N PHE A 308 -10.31 25.47 -24.85
CA PHE A 308 -9.08 24.69 -24.78
C PHE A 308 -9.40 23.25 -24.38
N VAL A 309 -8.86 22.29 -25.13
CA VAL A 309 -9.10 20.90 -24.80
C VAL A 309 -7.86 20.25 -24.16
N PRO A 310 -7.88 20.11 -22.84
CA PRO A 310 -6.69 19.67 -22.09
C PRO A 310 -6.34 18.23 -22.40
N ASP A 311 -7.35 17.43 -22.75
CA ASP A 311 -7.15 16.02 -23.03
C ASP A 311 -6.86 15.78 -24.50
N ALA A 312 -6.51 16.85 -25.22
CA ALA A 312 -6.11 16.74 -26.61
C ALA A 312 -4.96 15.76 -26.71
N VAL A 313 -4.85 15.03 -27.80
CA VAL A 313 -3.75 14.09 -27.98
C VAL A 313 -2.89 14.58 -29.09
N ASN A 314 -3.38 15.61 -29.80
CA ASN A 314 -2.75 16.11 -31.03
C ASN A 314 -3.05 17.58 -31.35
N VAL A 315 -2.62 18.00 -32.55
CA VAL A 315 -2.84 19.36 -33.01
C VAL A 315 -3.86 19.38 -34.14
N GLY A 316 -4.84 20.26 -34.06
CA GLY A 316 -5.77 20.39 -35.17
C GLY A 316 -6.61 21.64 -35.14
N GLY A 317 -6.66 22.35 -36.27
CA GLY A 317 -7.41 23.59 -36.36
C GLY A 317 -6.49 24.79 -36.36
N GLY A 318 -6.98 25.94 -35.90
CA GLY A 318 -6.14 27.11 -35.78
C GLY A 318 -5.22 26.99 -34.59
N VAL A 319 -5.41 25.93 -33.81
CA VAL A 319 -4.67 25.75 -32.55
C VAL A 319 -3.16 25.98 -32.68
N VAL A 320 -2.65 26.01 -33.92
CA VAL A 320 -1.25 26.38 -34.16
C VAL A 320 -1.07 27.09 -35.50
N ASN A 321 -0.57 28.33 -35.43
CA ASN A 321 -0.14 29.09 -36.58
C ASN A 321 0.72 28.26 -37.56
N GLU A 322 0.76 28.66 -38.82
CA GLU A 322 1.58 27.94 -39.79
C GLU A 322 3.08 28.19 -39.57
N GLU A 323 3.39 29.28 -38.87
CA GLU A 323 4.77 29.70 -38.66
C GLU A 323 5.40 28.85 -37.59
N VAL A 324 4.56 28.49 -36.61
CA VAL A 324 5.00 27.81 -35.44
C VAL A 324 5.04 26.29 -35.66
N ALA A 325 4.05 25.77 -36.39
CA ALA A 325 3.91 24.32 -36.62
C ALA A 325 5.22 23.52 -36.73
N PRO A 326 6.05 23.85 -37.71
CA PRO A 326 7.30 23.09 -37.88
C PRO A 326 8.25 23.19 -36.67
N TRP A 327 8.01 24.12 -35.76
CA TRP A 327 8.85 24.17 -34.57
C TRP A 327 8.50 23.11 -33.49
N LEU A 328 7.30 22.55 -33.54
CA LEU A 328 6.88 21.58 -32.52
C LEU A 328 7.86 20.41 -32.42
N ASP A 329 8.19 19.83 -33.56
CA ASP A 329 8.91 18.59 -33.60
C ASP A 329 10.34 18.83 -33.19
N LEU A 330 10.83 20.02 -33.47
CA LEU A 330 12.22 20.28 -33.21
C LEU A 330 12.32 20.46 -31.71
N VAL A 331 11.35 21.19 -31.15
CA VAL A 331 11.39 21.41 -29.73
C VAL A 331 11.23 20.12 -28.92
N ARG A 332 10.33 19.28 -29.38
CA ARG A 332 10.27 17.93 -28.83
C ARG A 332 11.67 17.36 -28.70
N LYS A 333 12.44 17.41 -29.80
CA LYS A 333 13.79 16.85 -29.77
C LYS A 333 14.76 17.57 -28.79
N LEU A 334 14.56 18.86 -28.56
CA LEU A 334 15.36 19.61 -27.57
C LEU A 334 15.08 19.13 -26.13
N GLY A 335 13.80 18.90 -25.81
CA GLY A 335 13.42 18.24 -24.57
C GLY A 335 14.06 16.85 -24.42
N VAL A 336 14.05 16.03 -25.47
CA VAL A 336 14.58 14.69 -25.35
C VAL A 336 16.03 14.85 -24.96
N LEU A 337 16.72 15.70 -25.69
CA LEU A 337 18.15 15.88 -25.55
C LEU A 337 18.52 16.52 -24.21
N ALA A 338 17.73 17.50 -23.79
CA ALA A 338 17.97 18.15 -22.51
C ALA A 338 17.80 17.11 -21.39
N GLY A 339 16.78 16.26 -21.51
CA GLY A 339 16.62 15.16 -20.59
C GLY A 339 17.81 14.20 -20.58
N VAL A 340 18.29 13.84 -21.76
CA VAL A 340 19.40 12.88 -21.84
C VAL A 340 20.72 13.44 -21.30
N LEU A 341 20.99 14.71 -21.55
CA LEU A 341 22.21 15.33 -21.04
C LEU A 341 22.14 15.70 -19.56
N SER A 342 20.98 15.51 -18.93
CA SER A 342 20.82 15.85 -17.52
C SER A 342 21.23 14.64 -16.73
N ASP A 343 21.96 14.85 -15.61
CA ASP A 343 22.32 13.78 -14.66
C ASP A 343 21.09 13.10 -14.07
N GLU A 344 20.16 13.89 -13.55
CA GLU A 344 18.88 13.31 -13.16
C GLU A 344 17.72 14.19 -13.65
N LEU A 345 16.48 13.72 -13.48
CA LEU A 345 15.29 14.42 -14.00
C LEU A 345 15.31 15.88 -13.61
N PRO A 346 15.21 16.81 -14.54
CA PRO A 346 15.13 18.23 -14.12
C PRO A 346 13.80 18.51 -13.41
N VAL A 347 13.76 19.53 -12.55
CA VAL A 347 12.50 19.92 -11.92
C VAL A 347 11.67 20.74 -12.84
N SER A 348 12.33 21.54 -13.67
CA SER A 348 11.62 22.33 -14.66
C SER A 348 12.36 22.43 -15.97
N LEU A 349 11.59 22.74 -17.00
CA LEU A 349 12.16 23.14 -18.27
C LEU A 349 11.82 24.61 -18.50
N SER A 350 12.84 25.44 -18.72
CA SER A 350 12.65 26.81 -19.20
C SER A 350 12.77 26.87 -20.72
N VAL A 351 11.68 27.14 -21.41
CA VAL A 351 11.81 27.22 -22.84
C VAL A 351 11.92 28.66 -23.27
N GLN A 352 13.07 28.97 -23.88
CA GLN A 352 13.32 30.33 -24.34
C GLN A 352 13.23 30.42 -25.85
N VAL A 353 12.34 31.30 -26.29
CA VAL A 353 12.13 31.54 -27.70
C VAL A 353 12.73 32.89 -28.02
N ARG A 354 13.70 32.92 -28.93
CA ARG A 354 14.38 34.17 -29.29
C ARG A 354 14.29 34.49 -30.78
N GLY A 355 14.23 35.78 -31.11
CA GLY A 355 14.33 36.22 -32.49
C GLY A 355 12.97 36.46 -33.13
N GLU A 356 12.84 36.12 -34.41
CA GLU A 356 11.61 36.39 -35.12
C GLU A 356 10.48 35.60 -34.51
N LEU A 357 10.77 34.34 -34.14
CA LEU A 357 9.76 33.41 -33.60
C LEU A 357 9.01 33.95 -32.37
N ALA A 358 9.67 34.84 -31.66
CA ALA A 358 9.18 35.38 -30.40
C ALA A 358 7.97 36.22 -30.64
N ALA A 359 7.73 36.59 -31.89
CA ALA A 359 6.56 37.40 -32.19
C ALA A 359 5.35 36.48 -32.32
N GLU A 360 5.58 35.17 -32.32
CA GLU A 360 4.48 34.23 -32.57
C GLU A 360 3.84 33.82 -31.24
N GLU A 361 2.74 33.08 -31.31
CA GLU A 361 2.07 32.56 -30.13
C GLU A 361 2.64 31.15 -29.96
N VAL A 362 3.44 30.95 -28.91
CA VAL A 362 4.34 29.79 -28.82
C VAL A 362 4.21 28.89 -27.58
N GLU A 363 3.07 29.03 -26.88
CA GLU A 363 2.81 28.22 -25.68
C GLU A 363 2.84 26.73 -25.99
N VAL A 364 2.26 26.29 -27.09
CA VAL A 364 2.37 24.88 -27.46
C VAL A 364 3.85 24.34 -27.39
N LEU A 365 4.84 25.20 -27.58
CA LEU A 365 6.24 24.74 -27.60
C LEU A 365 6.70 24.28 -26.21
N ARG A 366 6.27 25.02 -25.19
CA ARG A 366 6.46 24.59 -23.83
C ARG A 366 5.94 23.14 -23.62
N LEU A 367 4.80 22.80 -24.22
CA LEU A 367 4.30 21.42 -24.14
C LEU A 367 5.12 20.45 -24.96
N SER A 368 5.61 20.91 -26.10
CA SER A 368 6.50 20.06 -26.92
C SER A 368 7.74 19.67 -26.17
N ALA A 369 8.39 20.65 -25.54
CA ALA A 369 9.56 20.40 -24.73
C ALA A 369 9.29 19.33 -23.66
N LEU A 370 8.16 19.47 -22.94
CA LEU A 370 7.76 18.49 -21.93
C LEU A 370 7.55 17.09 -22.53
N ARG A 371 6.87 17.02 -23.69
CA ARG A 371 6.59 15.73 -24.33
C ARG A 371 7.88 14.99 -24.64
N GLY A 372 8.88 15.76 -25.05
CA GLY A 372 10.13 15.19 -25.44
C GLY A 372 10.84 14.71 -24.21
N LEU A 373 10.88 15.58 -23.20
CA LEU A 373 11.55 15.24 -21.93
C LEU A 373 11.03 13.95 -21.38
N PHE A 374 9.72 13.70 -21.56
CA PHE A 374 9.08 12.57 -20.89
C PHE A 374 8.78 11.42 -21.83
N SER A 375 9.40 11.39 -23.00
CA SER A 375 8.89 10.43 -23.95
C SER A 375 9.23 8.96 -23.64
N ALA A 376 10.13 8.73 -22.69
CA ALA A 376 10.42 7.36 -22.26
C ALA A 376 9.22 6.77 -21.52
N VAL A 377 8.31 7.63 -21.09
CA VAL A 377 7.10 7.17 -20.44
C VAL A 377 5.86 7.73 -21.11
N ILE A 378 5.98 8.12 -22.37
CA ILE A 378 4.80 8.48 -23.17
C ILE A 378 4.66 7.55 -24.38
N GLU A 379 3.41 7.22 -24.71
CA GLU A 379 3.10 6.30 -25.82
C GLU A 379 2.98 7.05 -27.14
N ASP A 380 3.42 6.40 -28.21
CA ASP A 380 3.71 7.08 -29.49
C ASP A 380 2.67 8.09 -29.97
N ALA A 381 1.44 7.64 -30.15
CA ALA A 381 0.41 8.47 -30.77
C ALA A 381 0.31 9.90 -30.19
N VAL A 382 0.51 10.03 -28.88
CA VAL A 382 0.27 11.28 -28.17
C VAL A 382 1.38 12.30 -28.40
N THR A 383 0.99 13.51 -28.80
CA THR A 383 1.88 14.60 -29.19
C THR A 383 1.81 15.71 -28.18
N PHE A 384 0.64 15.77 -27.54
CA PHE A 384 0.28 16.81 -26.60
C PHE A 384 0.44 16.19 -25.23
N VAL A 385 0.82 16.97 -24.23
CA VAL A 385 0.60 16.47 -22.89
C VAL A 385 -0.12 17.47 -22.08
N ASN A 386 -0.83 16.94 -21.09
CA ASN A 386 -1.52 17.78 -20.14
C ASN A 386 -0.52 18.28 -19.09
N ALA A 387 -0.02 19.50 -19.32
CA ALA A 387 1.00 20.11 -18.47
C ALA A 387 0.61 20.15 -16.98
N PRO A 388 -0.55 20.76 -16.66
CA PRO A 388 -1.08 20.74 -15.29
C PRO A 388 -1.14 19.33 -14.68
N ALA A 389 -1.50 18.32 -15.46
CA ALA A 389 -1.54 16.97 -14.92
C ALA A 389 -0.14 16.43 -14.68
N LEU A 390 0.75 16.65 -15.63
CA LEU A 390 2.07 16.11 -15.52
C LEU A 390 2.81 16.75 -14.30
N ALA A 391 2.63 18.04 -14.09
CA ALA A 391 3.22 18.71 -12.93
C ALA A 391 2.78 18.09 -11.60
N ALA A 392 1.48 17.92 -11.44
CA ALA A 392 0.87 17.33 -10.23
C ALA A 392 1.23 15.86 -10.03
N GLU A 393 1.28 15.09 -11.11
CA GLU A 393 1.60 13.68 -11.00
C GLU A 393 3.09 13.45 -10.74
N ARG A 394 3.95 14.18 -11.46
CA ARG A 394 5.37 13.81 -11.54
C ARG A 394 6.32 14.83 -11.00
N GLY A 395 5.86 16.06 -10.82
CA GLY A 395 6.69 17.02 -10.12
C GLY A 395 7.46 18.01 -10.99
N VAL A 396 7.23 17.98 -12.31
CA VAL A 396 8.00 18.76 -13.26
C VAL A 396 7.19 19.81 -13.99
N THR A 397 7.70 21.04 -14.05
CA THR A 397 6.94 22.06 -14.83
C THR A 397 7.70 22.51 -16.06
N ALA A 398 7.04 23.39 -16.83
CA ALA A 398 7.62 24.12 -17.98
C ALA A 398 7.17 25.59 -17.96
N GLU A 399 8.04 26.48 -18.40
CA GLU A 399 7.62 27.85 -18.74
C GLU A 399 8.21 28.28 -20.06
N ILE A 400 7.71 29.38 -20.59
CA ILE A 400 8.19 29.93 -21.84
C ILE A 400 8.56 31.35 -21.55
N CYS A 401 9.71 31.77 -22.08
CA CYS A 401 10.12 33.17 -22.05
C CYS A 401 10.40 33.62 -23.47
N LYS A 402 10.10 34.87 -23.77
CA LYS A 402 10.44 35.42 -25.06
C LYS A 402 11.55 36.46 -24.94
N ALA A 403 12.27 36.66 -26.04
CA ALA A 403 13.22 37.74 -26.20
C ALA A 403 13.25 38.12 -27.67
N SER A 404 13.06 39.39 -27.96
CA SER A 404 13.27 39.87 -29.31
C SER A 404 14.62 39.42 -29.94
N GLU A 405 15.74 39.59 -29.24
CA GLU A 405 17.02 39.27 -29.85
C GLU A 405 17.44 37.80 -29.81
N SER A 406 17.95 37.36 -30.94
CA SER A 406 18.56 36.06 -31.09
C SER A 406 19.97 36.44 -31.47
N PRO A 407 20.97 35.91 -30.76
CA PRO A 407 22.37 36.29 -31.01
C PRO A 407 22.87 36.05 -32.44
N ASN A 408 22.51 34.93 -33.05
CA ASN A 408 23.09 34.49 -34.28
C ASN A 408 22.01 34.25 -35.32
N HIS A 409 21.19 33.23 -35.14
CA HIS A 409 20.19 32.91 -36.16
C HIS A 409 18.99 33.80 -35.99
N ARG A 410 18.12 33.83 -37.00
CA ARG A 410 17.05 34.82 -36.99
C ARG A 410 16.12 34.52 -35.84
N SER A 411 16.03 33.23 -35.54
CA SER A 411 15.14 32.68 -34.53
C SER A 411 15.88 31.50 -33.93
N VAL A 412 15.76 31.31 -32.63
CA VAL A 412 16.32 30.13 -32.05
C VAL A 412 15.45 29.83 -30.86
N VAL A 413 15.26 28.54 -30.60
CA VAL A 413 14.68 28.09 -29.34
C VAL A 413 15.73 27.43 -28.43
N ASP A 414 15.80 27.87 -27.17
CA ASP A 414 16.70 27.23 -26.19
C ASP A 414 15.87 26.48 -25.18
N VAL A 415 16.23 25.24 -24.85
CA VAL A 415 15.47 24.57 -23.82
C VAL A 415 16.40 24.41 -22.67
N ARG A 416 16.17 25.18 -21.61
CA ARG A 416 16.92 25.12 -20.36
C ARG A 416 16.37 24.07 -19.36
N ALA A 417 17.08 22.98 -19.15
CA ALA A 417 16.61 21.99 -18.17
C ALA A 417 17.24 22.29 -16.81
N VAL A 418 16.41 22.64 -15.83
CA VAL A 418 16.96 23.00 -14.52
C VAL A 418 16.80 21.93 -13.46
N GLY A 419 17.88 21.72 -12.72
CA GLY A 419 17.88 20.72 -11.69
C GLY A 419 17.55 21.35 -10.37
N ALA A 420 17.00 20.52 -9.50
CA ALA A 420 16.70 20.87 -8.12
C ALA A 420 17.87 21.57 -7.43
N ASP A 421 19.08 21.26 -7.85
CA ASP A 421 20.25 21.79 -7.15
C ASP A 421 20.69 23.08 -7.80
N GLY A 422 20.02 23.45 -8.88
CA GLY A 422 20.25 24.75 -9.50
C GLY A 422 21.11 24.76 -10.73
N SER A 423 21.78 23.64 -11.00
CA SER A 423 22.55 23.45 -12.21
C SER A 423 21.60 23.51 -13.41
N VAL A 424 22.14 23.83 -14.60
CA VAL A 424 21.31 23.95 -15.79
C VAL A 424 21.95 23.22 -16.97
N VAL A 425 21.13 22.52 -17.74
CA VAL A 425 21.58 21.97 -18.99
C VAL A 425 20.84 22.71 -20.09
N THR A 426 21.58 23.33 -21.01
CA THR A 426 20.96 24.11 -22.09
C THR A 426 21.15 23.45 -23.46
N VAL A 427 20.08 23.31 -24.23
CA VAL A 427 20.16 22.82 -25.59
C VAL A 427 19.34 23.69 -26.56
N SER A 428 19.93 24.15 -27.68
CA SER A 428 19.18 24.99 -28.64
C SER A 428 19.02 24.42 -30.04
N GLY A 429 17.95 24.83 -30.73
CA GLY A 429 17.77 24.47 -32.12
C GLY A 429 17.21 25.58 -32.99
N THR A 430 17.46 25.47 -34.31
CA THR A 430 16.72 26.22 -35.33
C THR A 430 16.20 25.36 -36.44
N LEU A 431 15.23 25.97 -37.14
CA LEU A 431 14.87 25.57 -38.49
C LEU A 431 15.46 26.60 -39.40
N TYR A 432 16.01 26.17 -40.51
CA TYR A 432 16.26 27.15 -41.57
C TYR A 432 16.25 26.55 -42.96
N GLY A 433 15.91 27.39 -43.92
CA GLY A 433 16.07 27.06 -45.32
C GLY A 433 14.78 26.62 -45.97
N PRO A 434 14.86 26.32 -47.25
CA PRO A 434 13.69 25.95 -48.04
C PRO A 434 12.91 24.80 -47.38
N GLN A 435 13.65 23.80 -46.91
CA GLN A 435 13.05 22.61 -46.32
C GLN A 435 12.84 22.77 -44.82
N LEU A 436 13.27 23.90 -44.27
CA LEU A 436 13.07 24.16 -42.86
C LEU A 436 13.62 22.99 -42.08
N SER A 437 14.83 22.59 -42.41
CA SER A 437 15.38 21.42 -41.75
C SER A 437 15.77 21.78 -40.32
N GLN A 438 15.61 20.80 -39.45
CA GLN A 438 15.84 21.01 -38.03
C GLN A 438 17.30 20.83 -37.66
N LYS A 439 17.84 21.83 -36.98
CA LYS A 439 19.24 21.81 -36.58
C LYS A 439 19.41 22.03 -35.10
N ILE A 440 20.23 21.18 -34.50
CA ILE A 440 20.71 21.44 -33.15
C ILE A 440 21.92 22.36 -33.25
N VAL A 441 21.91 23.48 -32.53
CA VAL A 441 22.94 24.50 -32.73
C VAL A 441 23.78 24.84 -31.53
N GLN A 442 23.30 24.52 -30.32
CA GLN A 442 24.10 24.68 -29.11
C GLN A 442 23.84 23.60 -28.07
N ILE A 443 24.90 23.16 -27.39
CA ILE A 443 24.76 22.40 -26.17
C ILE A 443 25.69 23.01 -25.13
N ASN A 444 25.12 23.53 -24.04
CA ASN A 444 25.91 24.08 -22.92
C ASN A 444 27.00 25.07 -23.31
N GLY A 445 26.65 26.10 -24.08
CA GLY A 445 27.63 27.10 -24.46
C GLY A 445 28.51 26.71 -25.65
N ARG A 446 28.41 25.48 -26.14
CA ARG A 446 29.11 25.08 -27.35
C ARG A 446 28.20 25.20 -28.55
N HIS A 447 28.73 25.74 -29.64
CA HIS A 447 27.94 25.98 -30.84
C HIS A 447 28.39 25.13 -31.98
N PHE A 448 27.45 24.77 -32.84
CA PHE A 448 27.70 23.95 -34.01
C PHE A 448 26.40 23.94 -34.86
N ASP A 449 26.30 23.03 -35.84
CA ASP A 449 25.12 22.94 -36.74
C ASP A 449 24.89 21.49 -37.15
N LEU A 450 24.04 20.77 -36.44
CA LEU A 450 23.88 19.33 -36.68
C LEU A 450 22.42 18.93 -36.86
N ARG A 451 22.16 18.17 -37.91
CA ARG A 451 20.83 17.64 -38.12
C ARG A 451 20.24 17.08 -36.81
N ALA A 452 19.10 17.61 -36.41
CA ALA A 452 18.32 17.01 -35.32
C ALA A 452 17.62 15.77 -35.82
N GLN A 453 18.35 14.66 -35.95
CA GLN A 453 17.83 13.41 -36.48
C GLN A 453 18.78 12.24 -36.16
N GLY A 454 18.27 11.01 -36.25
CA GLY A 454 19.10 9.82 -36.17
C GLY A 454 19.64 9.42 -34.81
N ILE A 455 20.38 8.33 -34.79
CA ILE A 455 21.03 7.91 -33.56
C ILE A 455 22.23 8.81 -33.25
N ASN A 456 22.21 9.49 -32.11
CA ASN A 456 23.36 10.28 -31.70
C ASN A 456 24.10 9.74 -30.44
N LEU A 457 25.41 9.55 -30.55
CA LEU A 457 26.26 9.24 -29.38
C LEU A 457 26.84 10.54 -28.77
N ILE A 458 26.56 10.77 -27.48
CA ILE A 458 27.13 11.91 -26.74
C ILE A 458 28.08 11.40 -25.67
N ILE A 459 29.30 11.95 -25.62
CA ILE A 459 30.30 11.53 -24.63
C ILE A 459 30.92 12.72 -23.91
N HIS A 460 30.81 12.77 -22.59
CA HIS A 460 31.64 13.67 -21.78
C HIS A 460 32.84 12.85 -21.24
N TYR A 461 34.07 13.35 -21.42
CA TYR A 461 35.28 12.57 -21.06
C TYR A 461 36.47 13.46 -20.64
N VAL A 462 37.51 12.85 -20.08
CA VAL A 462 38.53 13.60 -19.36
C VAL A 462 39.93 13.36 -19.94
N ASP A 463 40.05 12.30 -20.73
CA ASP A 463 41.35 11.98 -21.34
C ASP A 463 41.36 12.43 -22.80
N ARG A 464 42.10 13.51 -23.07
CA ARG A 464 41.94 14.21 -24.35
C ARG A 464 42.79 13.76 -25.55
N PRO A 465 44.11 13.68 -25.40
CA PRO A 465 44.99 13.43 -26.56
C PRO A 465 44.64 12.12 -27.31
N GLY A 466 44.36 12.23 -28.61
CA GLY A 466 44.01 11.08 -29.44
C GLY A 466 42.58 10.56 -29.31
N ALA A 467 41.75 11.29 -28.57
CA ALA A 467 40.43 10.79 -28.26
C ALA A 467 39.62 10.54 -29.53
N LEU A 468 39.63 11.52 -30.44
CA LEU A 468 39.01 11.33 -31.74
C LEU A 468 39.47 9.99 -32.34
N GLY A 469 40.76 9.74 -32.35
CA GLY A 469 41.26 8.47 -32.86
C GLY A 469 40.63 7.26 -32.23
N LYS A 470 40.72 7.19 -30.90
CA LYS A 470 40.15 6.07 -30.16
C LYS A 470 38.68 5.88 -30.42
N ILE A 471 37.92 6.95 -30.36
CA ILE A 471 36.49 6.87 -30.51
C ILE A 471 36.11 6.38 -31.91
N GLY A 472 36.62 7.07 -32.92
CA GLY A 472 36.34 6.69 -34.29
C GLY A 472 36.79 5.27 -34.59
N THR A 473 37.95 4.90 -34.09
CA THR A 473 38.46 3.59 -34.39
C THR A 473 37.64 2.47 -33.75
N LEU A 474 37.20 2.64 -32.51
CA LEU A 474 36.33 1.64 -31.91
C LEU A 474 34.97 1.54 -32.61
N LEU A 475 34.38 2.69 -32.96
CA LEU A 475 33.08 2.69 -33.62
C LEU A 475 33.21 2.00 -34.98
N GLY A 476 34.35 2.22 -35.63
CA GLY A 476 34.53 1.79 -37.00
C GLY A 476 34.84 0.32 -37.05
N THR A 477 35.61 -0.15 -36.07
CA THR A 477 35.88 -1.58 -35.91
C THR A 477 34.57 -2.32 -35.59
N ALA A 478 33.63 -1.64 -34.96
CA ALA A 478 32.35 -2.26 -34.68
C ALA A 478 31.43 -2.25 -35.92
N GLY A 479 31.91 -1.66 -37.01
CA GLY A 479 31.11 -1.52 -38.21
C GLY A 479 30.10 -0.37 -38.15
N VAL A 480 30.34 0.63 -37.30
CA VAL A 480 29.41 1.76 -37.18
C VAL A 480 29.82 2.98 -38.01
N ASN A 481 29.00 3.35 -38.98
CA ASN A 481 29.30 4.54 -39.78
C ASN A 481 29.03 5.82 -38.98
N ILE A 482 29.88 6.83 -39.15
CA ILE A 482 29.71 8.11 -38.50
C ILE A 482 29.26 9.15 -39.50
N GLN A 483 28.02 9.58 -39.42
CA GLN A 483 27.48 10.52 -40.38
C GLN A 483 28.00 11.94 -40.16
N ALA A 484 27.95 12.40 -38.91
CA ALA A 484 28.40 13.75 -38.58
C ALA A 484 28.98 13.79 -37.18
N ALA A 485 29.59 14.90 -36.79
CA ALA A 485 30.24 14.94 -35.49
C ALA A 485 30.62 16.33 -35.05
N GLN A 486 30.62 16.55 -33.75
CA GLN A 486 31.04 17.84 -33.22
C GLN A 486 31.74 17.56 -31.92
N LEU A 487 32.93 18.15 -31.75
CA LEU A 487 33.67 17.91 -30.54
C LEU A 487 34.58 19.07 -30.23
N SER A 488 34.74 19.34 -28.94
CA SER A 488 35.50 20.49 -28.47
C SER A 488 36.02 20.22 -27.07
N GLU A 489 37.11 20.89 -26.74
CA GLU A 489 37.69 20.80 -25.41
C GLU A 489 37.01 21.82 -24.50
N ASP A 490 36.64 21.39 -23.29
CA ASP A 490 35.88 22.24 -22.37
C ASP A 490 36.62 23.56 -22.12
N ALA A 491 35.87 24.67 -22.04
CA ALA A 491 36.47 25.98 -21.83
C ALA A 491 37.29 26.02 -20.54
N GLU A 492 36.71 25.54 -19.45
CA GLU A 492 37.42 25.44 -18.19
C GLU A 492 37.53 23.98 -17.75
N GLY A 493 38.73 23.56 -17.33
CA GLY A 493 38.90 22.23 -16.82
C GLY A 493 39.45 21.23 -17.82
N PRO A 494 39.67 20.01 -17.33
CA PRO A 494 40.38 18.97 -18.07
C PRO A 494 39.47 18.16 -19.02
N GLY A 495 38.19 18.56 -19.13
CA GLY A 495 37.22 17.81 -19.89
C GLY A 495 37.09 18.13 -21.37
N ALA A 496 36.42 17.22 -22.08
CA ALA A 496 36.07 17.40 -23.49
C ALA A 496 34.70 16.78 -23.73
N THR A 497 34.05 17.18 -24.83
CA THR A 497 32.73 16.66 -25.18
C THR A 497 32.63 16.40 -26.67
N ILE A 498 32.15 15.22 -27.05
CA ILE A 498 31.89 14.95 -28.45
C ILE A 498 30.44 14.52 -28.61
N LEU A 499 29.83 14.91 -29.72
CA LEU A 499 28.55 14.36 -30.12
C LEU A 499 28.66 13.75 -31.54
N LEU A 500 28.27 12.49 -31.72
CA LEU A 500 28.34 11.90 -33.08
C LEU A 500 27.00 11.37 -33.58
N ARG A 501 26.65 11.67 -34.82
CA ARG A 501 25.49 11.01 -35.42
C ARG A 501 25.92 9.72 -36.13
N LEU A 502 25.32 8.60 -35.72
CA LEU A 502 25.72 7.27 -36.19
C LEU A 502 24.64 6.65 -37.08
N ASP A 503 24.95 5.56 -37.76
CA ASP A 503 23.99 4.98 -38.71
C ASP A 503 23.23 3.80 -38.11
N GLN A 504 23.69 3.37 -36.94
CA GLN A 504 23.00 2.38 -36.12
C GLN A 504 23.33 2.60 -34.64
N ASP A 505 22.69 1.84 -33.76
CA ASP A 505 23.01 1.87 -32.33
C ASP A 505 24.41 1.36 -32.02
N VAL A 506 24.85 1.52 -30.78
CA VAL A 506 26.19 1.12 -30.35
C VAL A 506 26.14 0.04 -29.27
N PRO A 507 26.60 -1.16 -29.61
CA PRO A 507 26.62 -2.28 -28.68
C PRO A 507 27.20 -1.91 -27.30
N ASP A 508 26.75 -2.62 -26.27
CA ASP A 508 27.14 -2.35 -24.90
C ASP A 508 28.64 -2.52 -24.65
N ASP A 509 29.24 -3.59 -25.18
CA ASP A 509 30.67 -3.76 -24.96
C ASP A 509 31.48 -2.61 -25.58
N VAL A 510 31.10 -2.20 -26.79
CA VAL A 510 31.77 -1.05 -27.44
C VAL A 510 31.53 0.27 -26.66
N ARG A 511 30.34 0.46 -26.10
CA ARG A 511 30.16 1.63 -25.24
C ARG A 511 31.17 1.61 -24.10
N THR A 512 31.36 0.43 -23.51
CA THR A 512 32.19 0.27 -22.34
C THR A 512 33.63 0.52 -22.77
N ALA A 513 34.00 0.00 -23.94
CA ALA A 513 35.32 0.24 -24.50
C ALA A 513 35.58 1.73 -24.68
N ILE A 514 34.59 2.45 -25.21
CA ILE A 514 34.83 3.85 -25.55
C ILE A 514 35.02 4.61 -24.26
N ALA A 515 34.18 4.29 -23.27
CA ALA A 515 34.21 4.95 -21.99
C ALA A 515 35.57 4.78 -21.35
N ALA A 516 36.02 3.54 -21.27
CA ALA A 516 37.32 3.23 -20.70
C ALA A 516 38.43 3.96 -21.44
N ALA A 517 38.30 4.04 -22.76
CA ALA A 517 39.39 4.52 -23.59
C ALA A 517 39.58 6.04 -23.50
N VAL A 518 38.49 6.80 -23.52
CA VAL A 518 38.62 8.25 -23.36
C VAL A 518 38.39 8.67 -21.94
N ASP A 519 38.07 7.69 -21.09
CA ASP A 519 37.87 7.96 -19.67
C ASP A 519 36.63 8.85 -19.48
N ALA A 520 35.47 8.37 -19.95
CA ALA A 520 34.24 9.15 -19.88
C ALA A 520 33.65 9.21 -18.47
N TYR A 521 32.93 10.29 -18.19
CA TYR A 521 32.03 10.29 -17.04
C TYR A 521 30.58 10.24 -17.52
N LYS A 522 30.34 10.71 -18.74
CA LYS A 522 29.03 10.61 -19.36
C LYS A 522 29.09 9.98 -20.75
N LEU A 523 28.27 8.96 -20.96
CA LEU A 523 28.21 8.29 -22.25
C LEU A 523 26.75 7.99 -22.54
N GLU A 524 26.16 8.73 -23.47
CA GLU A 524 24.76 8.49 -23.81
C GLU A 524 24.45 8.36 -25.30
N VAL A 525 23.37 7.67 -25.61
CA VAL A 525 22.94 7.43 -26.98
C VAL A 525 21.45 7.63 -27.09
N VAL A 526 21.04 8.69 -27.76
CA VAL A 526 19.62 9.01 -27.89
C VAL A 526 19.20 9.01 -29.36
N ASP A 527 18.01 8.48 -29.63
CA ASP A 527 17.48 8.39 -30.98
C ASP A 527 16.65 9.63 -31.21
N LEU A 528 17.11 10.47 -32.12
CA LEU A 528 16.55 11.80 -32.27
C LEU A 528 15.54 11.84 -33.40
N SER A 529 14.95 10.69 -33.72
CA SER A 529 13.90 10.66 -34.72
C SER A 529 12.64 11.34 -34.22
N SER B 3 13.82 -30.63 37.60
CA SER B 3 13.76 -31.28 36.26
C SER B 3 12.65 -30.67 35.35
N LEU B 4 12.92 -30.56 34.05
CA LEU B 4 12.14 -29.71 33.14
C LEU B 4 10.69 -30.14 32.84
N PRO B 5 9.79 -29.16 32.86
CA PRO B 5 8.39 -29.37 32.49
C PRO B 5 8.21 -29.72 31.01
N VAL B 6 7.25 -30.60 30.72
CA VAL B 6 7.06 -31.12 29.38
C VAL B 6 5.96 -30.40 28.62
N VAL B 7 6.34 -29.75 27.53
CA VAL B 7 5.39 -29.17 26.60
C VAL B 7 5.21 -30.10 25.38
N LEU B 8 4.09 -30.80 25.33
CA LEU B 8 3.75 -31.62 24.17
C LEU B 8 3.12 -30.79 23.02
N ILE B 9 3.77 -30.83 21.87
CA ILE B 9 3.20 -30.27 20.64
C ILE B 9 2.56 -31.40 19.83
N ALA B 10 1.25 -31.32 19.61
CA ALA B 10 0.49 -32.43 19.00
C ALA B 10 0.07 -32.19 17.56
N ASP B 11 0.33 -31.00 17.04
CA ASP B 11 -0.01 -30.63 15.67
C ASP B 11 1.17 -29.90 15.04
N LYS B 12 1.04 -29.59 13.75
CA LYS B 12 2.11 -29.00 12.98
C LYS B 12 2.11 -27.48 13.22
N LEU B 13 2.93 -27.04 14.16
CA LEU B 13 2.98 -25.63 14.55
C LEU B 13 4.15 -24.90 13.91
N ALA B 14 4.10 -23.58 13.92
CA ALA B 14 5.18 -22.77 13.37
C ALA B 14 6.47 -22.98 14.17
N PRO B 15 7.62 -22.96 13.50
CA PRO B 15 8.88 -23.28 14.17
C PRO B 15 9.29 -22.19 15.18
N SER B 16 8.79 -20.97 15.01
CA SER B 16 8.92 -19.97 16.06
C SER B 16 8.42 -20.47 17.42
N THR B 17 7.48 -21.40 17.40
CA THR B 17 6.95 -21.92 18.65
C THR B 17 8.09 -22.59 19.40
N VAL B 18 8.75 -23.55 18.76
CA VAL B 18 9.69 -24.35 19.51
C VAL B 18 10.79 -23.44 20.05
N ALA B 19 11.24 -22.49 19.26
CA ALA B 19 12.29 -21.54 19.71
C ALA B 19 11.84 -20.68 20.89
N ALA B 20 10.59 -20.25 20.90
CA ALA B 20 10.12 -19.39 21.97
C ALA B 20 9.92 -20.19 23.24
N LEU B 21 9.54 -21.44 23.10
CA LEU B 21 9.40 -22.31 24.26
C LEU B 21 10.72 -22.38 25.01
N GLY B 22 11.80 -22.55 24.27
CA GLY B 22 13.14 -22.42 24.80
C GLY B 22 13.69 -23.51 25.71
N ASP B 23 14.63 -23.05 26.55
CA ASP B 23 15.61 -23.82 27.31
C ASP B 23 15.09 -24.45 28.59
N GLN B 24 14.23 -23.70 29.29
CA GLN B 24 13.83 -24.01 30.65
C GLN B 24 12.73 -25.05 30.63
N VAL B 25 12.44 -25.54 29.44
CA VAL B 25 11.33 -26.45 29.28
C VAL B 25 11.84 -27.60 28.44
N GLU B 26 11.13 -28.73 28.46
CA GLU B 26 11.45 -29.79 27.51
C GLU B 26 10.33 -29.98 26.48
N VAL B 27 10.65 -29.68 25.22
CA VAL B 27 9.68 -29.83 24.16
C VAL B 27 9.61 -31.27 23.66
N ARG B 28 8.40 -31.80 23.61
CA ARG B 28 8.15 -33.10 23.00
C ARG B 28 7.16 -32.94 21.85
N TRP B 29 7.08 -33.96 21.00
CA TRP B 29 6.20 -33.93 19.84
C TRP B 29 5.42 -35.22 19.71
N VAL B 30 4.28 -35.14 19.03
CA VAL B 30 3.42 -36.31 18.84
C VAL B 30 2.36 -36.08 17.74
N ASP B 31 2.00 -37.16 17.04
CA ASP B 31 0.98 -37.09 15.99
C ASP B 31 -0.43 -37.04 16.59
N GLY B 32 -0.87 -35.82 16.90
CA GLY B 32 -2.10 -35.59 17.65
C GLY B 32 -3.36 -36.30 17.20
N PRO B 33 -3.62 -36.31 15.89
CA PRO B 33 -4.79 -37.00 15.34
C PRO B 33 -4.73 -38.51 15.54
N ASP B 34 -3.53 -39.06 15.72
CA ASP B 34 -3.37 -40.47 16.07
C ASP B 34 -3.72 -40.64 17.55
N ARG B 35 -4.90 -41.21 17.81
CA ARG B 35 -5.44 -41.31 19.16
C ARG B 35 -4.54 -42.13 20.09
N ASP B 36 -3.93 -43.17 19.53
CA ASP B 36 -3.08 -44.06 20.30
C ASP B 36 -1.74 -43.43 20.71
N LYS B 37 -1.09 -42.74 19.78
CA LYS B 37 0.15 -42.04 20.08
C LYS B 37 -0.10 -40.96 21.14
N LEU B 38 -1.18 -40.19 20.93
CA LEU B 38 -1.53 -39.08 21.82
C LEU B 38 -1.75 -39.53 23.26
N LEU B 39 -2.50 -40.60 23.43
CA LEU B 39 -2.78 -41.07 24.78
C LEU B 39 -1.51 -41.59 25.46
N ALA B 40 -0.51 -41.98 24.67
CA ALA B 40 0.71 -42.54 25.25
C ALA B 40 1.66 -41.44 25.74
N ALA B 41 1.68 -40.32 25.03
CA ALA B 41 2.61 -39.24 25.34
C ALA B 41 2.03 -38.24 26.33
N VAL B 42 0.71 -38.07 26.30
CA VAL B 42 0.04 -37.01 27.06
C VAL B 42 0.20 -37.05 28.59
N PRO B 43 0.30 -38.27 29.15
CA PRO B 43 0.46 -38.49 30.59
C PRO B 43 1.58 -37.69 31.27
N GLU B 44 2.62 -37.27 30.55
CA GLU B 44 3.72 -36.52 31.17
C GLU B 44 3.77 -35.03 30.81
N ALA B 45 2.72 -34.53 30.16
CA ALA B 45 2.69 -33.13 29.71
C ALA B 45 2.24 -32.15 30.78
N ASP B 46 3.05 -31.11 31.02
CA ASP B 46 2.63 -29.99 31.85
C ASP B 46 1.81 -29.03 31.00
N ALA B 47 1.95 -29.17 29.67
CA ALA B 47 1.23 -28.34 28.71
C ALA B 47 1.00 -29.12 27.43
N LEU B 48 -0.15 -28.92 26.78
CA LEU B 48 -0.44 -29.57 25.50
C LEU B 48 -0.77 -28.51 24.45
N LEU B 49 -0.04 -28.52 23.33
CA LEU B 49 -0.34 -27.52 22.28
C LEU B 49 -0.91 -28.17 21.05
N VAL B 50 -1.90 -27.49 20.45
CA VAL B 50 -2.60 -28.00 19.27
C VAL B 50 -2.97 -26.92 18.27
N ARG B 51 -3.56 -27.36 17.16
CA ARG B 51 -4.11 -26.43 16.20
C ARG B 51 -5.56 -26.78 16.00
N SER B 52 -5.83 -27.72 15.10
CA SER B 52 -7.19 -28.21 14.86
C SER B 52 -7.20 -29.69 14.57
N ALA B 53 -6.10 -30.20 14.03
CA ALA B 53 -6.09 -31.58 13.60
C ALA B 53 -6.36 -32.55 14.73
N THR B 54 -6.01 -32.18 15.96
CA THR B 54 -6.27 -33.06 17.11
C THR B 54 -7.41 -32.59 18.04
N THR B 55 -7.95 -33.51 18.81
CA THR B 55 -9.15 -33.23 19.60
C THR B 55 -8.85 -33.32 21.09
N VAL B 56 -8.92 -32.20 21.78
CA VAL B 56 -8.64 -32.19 23.20
C VAL B 56 -9.95 -32.38 23.93
N ASP B 57 -10.32 -33.65 24.12
CA ASP B 57 -11.62 -34.04 24.70
C ASP B 57 -11.48 -34.52 26.13
N ALA B 58 -12.62 -34.81 26.76
CA ALA B 58 -12.60 -35.31 28.13
C ALA B 58 -11.64 -36.50 28.25
N GLU B 59 -11.60 -37.34 27.21
CA GLU B 59 -10.74 -38.51 27.23
C GLU B 59 -9.27 -38.13 27.41
N VAL B 60 -8.85 -37.07 26.71
CA VAL B 60 -7.45 -36.65 26.68
C VAL B 60 -6.99 -36.01 27.98
N LEU B 61 -7.86 -35.20 28.58
CA LEU B 61 -7.54 -34.55 29.85
C LEU B 61 -7.37 -35.56 30.96
N ALA B 62 -8.32 -36.49 31.03
CA ALA B 62 -8.32 -37.59 32.00
C ALA B 62 -6.96 -38.26 32.09
N ALA B 63 -6.41 -38.63 30.94
CA ALA B 63 -5.13 -39.33 30.88
C ALA B 63 -3.91 -38.41 31.13
N ALA B 64 -4.17 -37.18 31.59
CA ALA B 64 -3.11 -36.18 31.76
C ALA B 64 -3.17 -35.44 33.09
N PRO B 65 -2.58 -36.04 34.11
CA PRO B 65 -2.62 -35.50 35.47
C PRO B 65 -1.69 -34.31 35.68
N LYS B 66 -0.64 -34.19 34.87
CA LYS B 66 0.32 -33.11 35.04
C LYS B 66 -0.19 -31.84 34.38
N LEU B 67 -1.19 -32.03 33.53
CA LEU B 67 -1.66 -31.02 32.59
C LEU B 67 -2.13 -29.73 33.24
N LYS B 68 -1.33 -28.68 33.08
CA LYS B 68 -1.67 -27.36 33.60
C LYS B 68 -2.30 -26.44 32.52
N ILE B 69 -1.86 -26.56 31.27
CA ILE B 69 -2.43 -25.73 30.21
C ILE B 69 -2.63 -26.43 28.87
N VAL B 70 -3.73 -26.12 28.21
CA VAL B 70 -3.97 -26.51 26.83
C VAL B 70 -4.04 -25.24 26.01
N ALA B 71 -3.21 -25.15 24.99
CA ALA B 71 -3.09 -23.96 24.16
C ALA B 71 -3.29 -24.31 22.70
N ARG B 72 -4.15 -23.55 22.05
CA ARG B 72 -4.35 -23.71 20.63
C ARG B 72 -3.76 -22.54 19.86
N ALA B 73 -2.95 -22.87 18.86
CA ALA B 73 -2.38 -21.83 18.00
C ALA B 73 -3.43 -21.39 17.00
N GLY B 74 -4.40 -20.61 17.46
CA GLY B 74 -5.46 -20.12 16.60
C GLY B 74 -6.44 -19.32 17.42
N VAL B 75 -7.50 -18.82 16.78
CA VAL B 75 -8.54 -18.07 17.48
C VAL B 75 -9.67 -18.97 17.94
N GLY B 76 -10.14 -19.84 17.04
CA GLY B 76 -11.22 -20.76 17.39
C GLY B 76 -10.81 -21.80 18.42
N LEU B 77 -11.80 -22.45 19.04
CA LEU B 77 -11.52 -23.45 20.06
C LEU B 77 -12.40 -24.67 19.87
N ASP B 78 -12.79 -24.93 18.63
CA ASP B 78 -13.78 -25.96 18.35
C ASP B 78 -13.32 -27.37 18.65
N ASN B 79 -12.01 -27.57 18.77
CA ASN B 79 -11.43 -28.89 18.96
C ASN B 79 -10.97 -29.13 20.40
N VAL B 80 -11.42 -28.24 21.28
CA VAL B 80 -11.12 -28.35 22.69
C VAL B 80 -12.41 -28.27 23.54
N ASP B 81 -12.53 -29.22 24.46
CA ASP B 81 -13.62 -29.25 25.43
C ASP B 81 -13.30 -28.35 26.64
N VAL B 82 -13.57 -27.06 26.50
CA VAL B 82 -13.19 -26.08 27.52
C VAL B 82 -13.77 -26.36 28.89
N ASP B 83 -15.02 -26.83 28.91
CA ASP B 83 -15.70 -27.09 30.18
C ASP B 83 -14.99 -28.22 30.92
N ALA B 84 -14.73 -29.30 30.20
CA ALA B 84 -14.01 -30.42 30.76
C ALA B 84 -12.71 -29.94 31.39
N ALA B 85 -11.99 -29.07 30.70
CA ALA B 85 -10.68 -28.67 31.19
C ALA B 85 -10.80 -27.81 32.45
N THR B 86 -11.86 -27.02 32.52
CA THR B 86 -12.10 -26.18 33.67
C THR B 86 -12.47 -27.09 34.83
N ALA B 87 -13.16 -28.17 34.50
CA ALA B 87 -13.51 -29.20 35.45
C ALA B 87 -12.27 -29.73 36.16
N ARG B 88 -11.15 -29.85 35.45
CA ARG B 88 -9.97 -30.35 36.13
C ARG B 88 -8.97 -29.23 36.40
N GLY B 89 -9.44 -27.99 36.35
CA GLY B 89 -8.58 -26.86 36.62
C GLY B 89 -7.43 -26.73 35.62
N VAL B 90 -7.65 -27.14 34.37
CA VAL B 90 -6.68 -26.91 33.29
C VAL B 90 -6.98 -25.60 32.56
N LEU B 91 -5.98 -24.71 32.52
CA LEU B 91 -6.09 -23.48 31.75
C LEU B 91 -6.23 -23.82 30.28
N VAL B 92 -7.16 -23.17 29.60
CA VAL B 92 -7.27 -23.24 28.15
C VAL B 92 -7.01 -21.88 27.54
N VAL B 93 -6.10 -21.85 26.57
CA VAL B 93 -5.69 -20.61 25.94
C VAL B 93 -5.76 -20.75 24.42
N ASN B 94 -6.23 -19.70 23.75
CA ASN B 94 -6.08 -19.57 22.30
C ASN B 94 -5.04 -18.49 21.95
N ALA B 95 -4.89 -18.16 20.67
CA ALA B 95 -4.04 -17.04 20.30
C ALA B 95 -4.91 -15.99 19.64
N PRO B 96 -5.59 -15.19 20.46
CA PRO B 96 -6.77 -14.41 20.02
C PRO B 96 -6.48 -13.33 18.99
N THR B 97 -5.25 -12.80 18.95
CA THR B 97 -4.97 -11.79 17.92
C THR B 97 -4.03 -12.18 16.79
N SER B 98 -3.64 -13.46 16.74
CA SER B 98 -2.68 -13.93 15.76
C SER B 98 -3.25 -13.88 14.33
N ASN B 99 -4.57 -13.73 14.28
CA ASN B 99 -5.43 -13.65 13.10
C ASN B 99 -5.45 -12.34 12.34
N ILE B 100 -5.25 -11.24 13.06
CA ILE B 100 -5.85 -9.99 12.62
C ILE B 100 -5.51 -9.55 11.18
N HIS B 101 -4.23 -9.48 10.84
CA HIS B 101 -3.82 -8.97 9.53
C HIS B 101 -4.23 -9.90 8.38
N SER B 102 -3.89 -11.20 8.54
CA SER B 102 -4.29 -12.22 7.55
C SER B 102 -5.77 -12.24 7.28
N ALA B 103 -6.57 -12.13 8.33
CA ALA B 103 -8.03 -12.24 8.22
C ALA B 103 -8.62 -11.01 7.53
N ALA B 104 -8.05 -9.86 7.86
CA ALA B 104 -8.47 -8.60 7.28
C ALA B 104 -8.12 -8.60 5.78
N GLU B 105 -6.88 -9.04 5.50
CA GLU B 105 -6.39 -9.05 4.12
C GLU B 105 -7.27 -10.00 3.29
N HIS B 106 -7.72 -11.09 3.92
CA HIS B 106 -8.53 -12.07 3.19
C HIS B 106 -9.92 -11.54 2.95
N ALA B 107 -10.38 -10.66 3.81
CA ALA B 107 -11.71 -10.07 3.58
C ALA B 107 -11.63 -9.18 2.36
N LEU B 108 -10.51 -8.47 2.25
CA LEU B 108 -10.28 -7.56 1.12
C LEU B 108 -10.06 -8.39 -0.14
N ALA B 109 -9.13 -9.33 -0.06
CA ALA B 109 -8.95 -10.28 -1.15
C ALA B 109 -10.30 -10.79 -1.71
N LEU B 110 -11.24 -11.15 -0.84
CA LEU B 110 -12.48 -11.75 -1.33
C LEU B 110 -13.39 -10.70 -1.91
N LEU B 111 -13.40 -9.51 -1.31
CA LEU B 111 -14.23 -8.43 -1.80
C LEU B 111 -13.81 -8.12 -3.22
N LEU B 112 -12.49 -8.00 -3.40
CA LEU B 112 -11.91 -7.74 -4.72
C LEU B 112 -12.08 -8.93 -5.67
N ALA B 113 -11.90 -10.16 -5.20
CA ALA B 113 -12.05 -11.32 -6.12
C ALA B 113 -13.48 -11.46 -6.59
N ALA B 114 -14.42 -11.04 -5.77
CA ALA B 114 -15.84 -11.17 -6.11
C ALA B 114 -16.26 -10.00 -7.01
N SER B 115 -15.61 -8.86 -6.81
CA SER B 115 -15.92 -7.64 -7.56
C SER B 115 -15.42 -7.71 -8.99
N ARG B 116 -14.30 -8.41 -9.17
CA ARG B 116 -13.67 -8.53 -10.46
C ARG B 116 -13.83 -9.93 -11.04
N GLN B 117 -14.58 -10.80 -10.37
CA GLN B 117 -14.86 -12.15 -10.89
C GLN B 117 -13.56 -12.89 -11.21
N ILE B 118 -12.53 -12.69 -10.39
CA ILE B 118 -11.23 -13.29 -10.65
C ILE B 118 -11.26 -14.79 -10.91
N PRO B 119 -11.74 -15.59 -9.96
CA PRO B 119 -11.84 -17.05 -10.18
C PRO B 119 -12.44 -17.44 -11.53
N ALA B 120 -13.58 -16.86 -11.91
CA ALA B 120 -14.22 -17.25 -13.17
C ALA B 120 -13.42 -16.75 -14.38
N ALA B 121 -12.73 -15.63 -14.20
CA ALA B 121 -11.90 -15.07 -15.24
C ALA B 121 -10.58 -15.84 -15.37
N ASP B 122 -10.00 -16.26 -14.25
CA ASP B 122 -8.78 -17.06 -14.32
C ASP B 122 -9.12 -18.43 -14.93
N ALA B 123 -10.30 -18.95 -14.60
CA ALA B 123 -10.69 -20.27 -15.07
C ALA B 123 -10.81 -20.31 -16.59
N SER B 124 -11.38 -19.24 -17.16
CA SER B 124 -11.69 -19.26 -18.58
C SER B 124 -10.38 -19.35 -19.35
N LEU B 125 -9.38 -18.60 -18.91
CA LEU B 125 -8.03 -18.72 -19.45
C LEU B 125 -7.50 -20.16 -19.34
N ARG B 126 -7.74 -20.83 -18.22
CA ARG B 126 -7.16 -22.17 -18.02
C ARG B 126 -7.72 -23.17 -19.02
N GLU B 127 -8.95 -22.93 -19.47
CA GLU B 127 -9.52 -23.69 -20.57
C GLU B 127 -9.38 -22.95 -21.89
N HIS B 128 -8.27 -22.25 -22.04
CA HIS B 128 -7.83 -21.70 -23.33
C HIS B 128 -8.92 -21.04 -24.18
N THR B 129 -9.67 -20.13 -23.56
CA THR B 129 -10.57 -19.23 -24.25
C THR B 129 -10.30 -17.80 -23.81
N TRP B 130 -10.66 -16.85 -24.67
CA TRP B 130 -10.47 -15.43 -24.37
C TRP B 130 -11.84 -14.80 -24.23
N LYS B 131 -12.41 -14.89 -23.03
CA LYS B 131 -13.75 -14.38 -22.82
C LYS B 131 -13.77 -12.99 -22.16
N ARG B 132 -12.79 -12.17 -22.51
CA ARG B 132 -12.73 -10.80 -22.03
C ARG B 132 -14.09 -10.11 -22.05
N SER B 133 -14.82 -10.30 -23.14
CA SER B 133 -16.08 -9.60 -23.28
C SER B 133 -17.18 -10.14 -22.36
N SER B 134 -16.95 -11.23 -21.64
CA SER B 134 -18.00 -11.74 -20.75
C SER B 134 -17.91 -11.19 -19.34
N PHE B 135 -16.81 -10.54 -19.01
CA PHE B 135 -16.61 -10.03 -17.66
C PHE B 135 -16.94 -8.54 -17.54
N SER B 136 -17.31 -8.13 -16.34
CA SER B 136 -17.69 -6.74 -16.08
C SER B 136 -17.68 -6.44 -14.60
N GLY B 137 -16.57 -5.90 -14.11
CA GLY B 137 -16.40 -5.70 -12.69
C GLY B 137 -17.13 -4.53 -12.06
N THR B 138 -17.01 -4.42 -10.74
CA THR B 138 -17.54 -3.30 -10.00
C THR B 138 -16.39 -2.50 -9.39
N GLU B 139 -16.48 -1.20 -9.57
CA GLU B 139 -15.46 -0.32 -9.08
C GLU B 139 -15.81 0.02 -7.65
N ILE B 140 -14.79 0.13 -6.81
CA ILE B 140 -14.95 0.45 -5.40
C ILE B 140 -14.88 1.96 -5.17
N PHE B 141 -13.99 2.63 -5.88
CA PHE B 141 -13.72 4.03 -5.61
C PHE B 141 -15.02 4.81 -5.44
N GLY B 142 -15.17 5.52 -4.33
CA GLY B 142 -16.26 6.45 -4.19
C GLY B 142 -17.56 5.78 -3.77
N LYS B 143 -17.57 4.43 -3.72
CA LYS B 143 -18.75 3.70 -3.28
C LYS B 143 -18.89 3.75 -1.75
N THR B 144 -20.03 3.29 -1.24
CA THR B 144 -20.24 3.25 0.21
C THR B 144 -20.10 1.82 0.72
N VAL B 145 -19.18 1.62 1.67
CA VAL B 145 -18.96 0.29 2.20
C VAL B 145 -19.53 0.13 3.60
N GLY B 146 -20.31 -0.91 3.80
CA GLY B 146 -20.90 -1.18 5.09
C GLY B 146 -20.16 -2.30 5.79
N VAL B 147 -19.67 -2.00 6.99
CA VAL B 147 -19.01 -3.01 7.80
C VAL B 147 -19.93 -3.39 8.93
N VAL B 148 -20.30 -4.67 8.97
CA VAL B 148 -21.19 -5.12 10.02
C VAL B 148 -20.40 -5.84 11.10
N GLY B 149 -20.32 -5.20 12.27
CA GLY B 149 -19.46 -5.72 13.32
C GLY B 149 -18.14 -5.00 13.30
N LEU B 150 -17.72 -4.43 14.44
CA LEU B 150 -16.46 -3.71 14.51
C LEU B 150 -15.53 -4.20 15.62
N GLY B 151 -15.36 -5.50 15.70
CA GLY B 151 -14.24 -6.04 16.46
C GLY B 151 -12.99 -5.70 15.66
N ARG B 152 -11.81 -6.19 16.06
CA ARG B 152 -10.57 -5.61 15.50
C ARG B 152 -10.43 -5.83 13.98
N ILE B 153 -10.67 -7.06 13.54
CA ILE B 153 -10.57 -7.37 12.14
C ILE B 153 -11.51 -6.41 11.34
N GLY B 154 -12.72 -6.18 11.81
CA GLY B 154 -13.61 -5.25 11.13
C GLY B 154 -13.02 -3.84 11.12
N GLN B 155 -12.52 -3.39 12.27
CA GLN B 155 -11.84 -2.09 12.31
C GLN B 155 -10.72 -2.04 11.24
N LEU B 156 -9.94 -3.12 11.13
CA LEU B 156 -8.85 -3.13 10.17
C LEU B 156 -9.37 -3.12 8.74
N VAL B 157 -10.33 -3.99 8.48
CA VAL B 157 -11.00 -4.00 7.17
C VAL B 157 -11.43 -2.59 6.82
N ALA B 158 -12.07 -1.89 7.76
CA ALA B 158 -12.63 -0.56 7.38
C ALA B 158 -11.50 0.40 7.02
N GLN B 159 -10.37 0.35 7.74
CA GLN B 159 -9.28 1.26 7.39
C GLN B 159 -8.68 0.92 6.03
N ARG B 160 -8.51 -0.38 5.76
CA ARG B 160 -8.00 -0.80 4.46
C ARG B 160 -8.97 -0.34 3.34
N ILE B 161 -10.28 -0.52 3.54
CA ILE B 161 -11.26 -0.13 2.50
C ILE B 161 -11.29 1.42 2.30
N ALA B 162 -11.05 2.18 3.36
CA ALA B 162 -11.04 3.63 3.20
C ALA B 162 -9.99 4.08 2.18
N ALA B 163 -8.91 3.31 2.07
CA ALA B 163 -7.78 3.74 1.26
C ALA B 163 -8.10 3.59 -0.22
N PHE B 164 -9.07 2.72 -0.55
CA PHE B 164 -9.63 2.68 -1.88
C PHE B 164 -10.58 3.83 -2.20
N GLY B 165 -10.62 4.83 -1.33
CA GLY B 165 -11.48 6.01 -1.54
C GLY B 165 -12.97 5.76 -1.43
N ALA B 166 -13.36 4.72 -0.69
CA ALA B 166 -14.76 4.42 -0.37
C ALA B 166 -15.17 5.10 0.96
N TYR B 167 -16.43 5.48 1.13
CA TYR B 167 -16.90 5.95 2.45
C TYR B 167 -17.32 4.73 3.22
N VAL B 168 -17.02 4.69 4.51
CA VAL B 168 -17.33 3.50 5.31
C VAL B 168 -18.40 3.80 6.35
N VAL B 169 -19.48 3.03 6.32
CA VAL B 169 -20.44 3.04 7.40
C VAL B 169 -20.32 1.68 8.13
N ALA B 170 -20.76 1.64 9.38
CA ALA B 170 -20.68 0.40 10.12
C ALA B 170 -21.80 0.35 11.12
N TYR B 171 -22.24 -0.89 11.41
CA TYR B 171 -23.19 -1.18 12.47
C TYR B 171 -22.49 -1.92 13.61
N ASP B 172 -22.39 -1.25 14.76
CA ASP B 172 -21.90 -1.90 15.97
C ASP B 172 -22.17 -1.07 17.18
N PRO B 173 -23.16 -1.46 17.96
CA PRO B 173 -23.71 -0.58 18.99
C PRO B 173 -22.83 -0.53 20.23
N TYR B 174 -21.79 -1.37 20.32
CA TYR B 174 -20.96 -1.40 21.52
C TYR B 174 -19.55 -0.88 21.28
N VAL B 175 -19.29 -0.39 20.07
CA VAL B 175 -17.95 0.12 19.74
C VAL B 175 -17.90 1.55 20.20
N SER B 176 -16.74 1.93 20.72
CA SER B 176 -16.46 3.30 21.09
C SER B 176 -16.67 4.20 19.90
N PRO B 177 -17.66 5.09 19.99
CA PRO B 177 -17.92 6.09 18.94
C PRO B 177 -16.69 6.94 18.61
N ALA B 178 -15.82 7.24 19.57
CA ALA B 178 -14.61 7.97 19.27
C ALA B 178 -13.71 7.13 18.33
N ARG B 179 -13.45 5.88 18.71
CA ARG B 179 -12.69 4.95 17.88
C ARG B 179 -13.29 4.80 16.46
N ALA B 180 -14.61 4.76 16.36
CA ALA B 180 -15.19 4.72 14.99
C ALA B 180 -14.77 5.95 14.18
N ALA B 181 -14.91 7.15 14.77
CA ALA B 181 -14.54 8.36 14.06
C ALA B 181 -13.07 8.31 13.64
N GLN B 182 -12.22 7.78 14.50
CA GLN B 182 -10.80 7.74 14.14
C GLN B 182 -10.52 6.75 13.04
N LEU B 183 -11.40 5.76 12.83
CA LEU B 183 -11.21 4.86 11.69
C LEU B 183 -12.01 5.45 10.51
N GLY B 184 -12.50 6.67 10.67
CA GLY B 184 -13.16 7.35 9.57
C GLY B 184 -14.49 6.68 9.23
N ILE B 185 -15.18 6.19 10.25
CA ILE B 185 -16.40 5.39 10.08
C ILE B 185 -17.64 6.13 10.55
N GLU B 186 -18.66 6.13 9.73
CA GLU B 186 -19.89 6.71 10.18
C GLU B 186 -20.67 5.54 10.73
N LEU B 187 -21.04 5.61 12.02
CA LEU B 187 -21.90 4.62 12.69
C LEU B 187 -23.38 4.79 12.31
N LEU B 188 -24.04 3.67 12.00
CA LEU B 188 -25.44 3.70 11.63
C LEU B 188 -26.24 2.59 12.30
N SER B 189 -27.57 2.70 12.25
CA SER B 189 -28.39 1.55 12.58
C SER B 189 -28.18 0.54 11.46
N LEU B 190 -28.50 -0.71 11.72
CA LEU B 190 -28.31 -1.76 10.72
C LEU B 190 -29.17 -1.45 9.53
N ASP B 191 -30.35 -0.92 9.79
CA ASP B 191 -31.28 -0.65 8.69
C ASP B 191 -30.65 0.34 7.71
N ASP B 192 -30.21 1.46 8.24
CA ASP B 192 -29.59 2.50 7.43
C ASP B 192 -28.33 1.99 6.71
N LEU B 193 -27.52 1.19 7.37
CA LEU B 193 -26.40 0.60 6.66
C LEU B 193 -26.91 -0.21 5.45
N LEU B 194 -27.88 -1.07 5.65
CA LEU B 194 -28.34 -1.92 4.56
C LEU B 194 -28.87 -1.12 3.38
N ALA B 195 -29.59 -0.03 3.66
CA ALA B 195 -30.13 0.85 2.61
C ALA B 195 -29.02 1.46 1.74
N ARG B 196 -27.89 1.82 2.37
CA ARG B 196 -26.85 2.66 1.75
C ARG B 196 -25.62 1.92 1.25
N ALA B 197 -25.54 0.62 1.48
CA ALA B 197 -24.30 -0.11 1.26
C ALA B 197 -24.19 -0.63 -0.17
N ASP B 198 -23.08 -0.35 -0.84
CA ASP B 198 -22.85 -0.93 -2.16
C ASP B 198 -22.09 -2.25 -2.01
N PHE B 199 -21.19 -2.27 -1.04
CA PHE B 199 -20.50 -3.47 -0.61
C PHE B 199 -20.76 -3.67 0.89
N ILE B 200 -20.91 -4.92 1.31
CA ILE B 200 -21.00 -5.24 2.73
C ILE B 200 -20.05 -6.34 3.11
N SER B 201 -19.30 -6.10 4.20
CA SER B 201 -18.40 -7.09 4.78
C SER B 201 -18.88 -7.34 6.22
N VAL B 202 -19.13 -8.60 6.58
CA VAL B 202 -19.67 -8.91 7.91
C VAL B 202 -18.56 -9.48 8.78
N HIS B 203 -18.56 -9.10 10.05
CA HIS B 203 -17.42 -9.35 10.92
C HIS B 203 -17.85 -9.66 12.34
N LEU B 204 -16.98 -10.34 13.09
CA LEU B 204 -17.17 -10.43 14.52
C LEU B 204 -17.31 -9.01 15.07
N PRO B 205 -18.36 -8.78 15.83
CA PRO B 205 -18.61 -7.46 16.44
C PRO B 205 -17.82 -7.31 17.70
N LYS B 206 -17.93 -6.11 18.28
CA LYS B 206 -17.22 -5.77 19.51
C LYS B 206 -17.75 -6.57 20.71
N THR B 207 -19.01 -6.97 20.67
CA THR B 207 -19.59 -7.78 21.74
C THR B 207 -19.99 -9.16 21.24
N PRO B 208 -19.18 -10.14 21.63
CA PRO B 208 -19.03 -11.40 20.89
C PRO B 208 -20.28 -12.28 20.92
N GLU B 209 -21.09 -12.12 19.88
CA GLU B 209 -22.34 -12.84 19.74
C GLU B 209 -23.47 -12.31 20.65
N THR B 210 -23.80 -11.05 20.43
CA THR B 210 -25.20 -10.64 20.34
C THR B 210 -25.39 -10.58 18.82
N ALA B 211 -24.26 -10.74 18.12
CA ALA B 211 -24.22 -10.88 16.66
C ALA B 211 -25.41 -11.70 16.17
N GLY B 212 -26.21 -11.07 15.31
CA GLY B 212 -27.42 -11.70 14.81
C GLY B 212 -27.17 -12.44 13.51
N LEU B 213 -28.10 -12.30 12.59
CA LEU B 213 -27.98 -12.99 11.33
C LEU B 213 -28.35 -11.98 10.26
N ILE B 214 -27.66 -12.04 9.13
CA ILE B 214 -28.13 -11.36 7.95
C ILE B 214 -28.97 -12.39 7.25
N ASP B 215 -30.27 -12.20 7.32
CA ASP B 215 -31.22 -13.20 6.83
C ASP B 215 -32.05 -12.67 5.66
N LYS B 216 -33.00 -13.45 5.18
CA LYS B 216 -33.85 -13.04 4.06
C LYS B 216 -34.25 -11.58 4.19
N GLU B 217 -34.75 -11.22 5.36
CA GLU B 217 -35.43 -9.95 5.58
C GLU B 217 -34.43 -8.79 5.57
N ALA B 218 -33.26 -9.01 6.15
CA ALA B 218 -32.16 -8.07 6.01
C ALA B 218 -31.68 -7.99 4.54
N LEU B 219 -31.34 -9.13 3.96
CA LEU B 219 -30.87 -9.15 2.60
C LEU B 219 -31.86 -8.37 1.71
N ALA B 220 -33.16 -8.61 1.86
CA ALA B 220 -34.11 -7.92 1.01
C ALA B 220 -34.11 -6.39 1.21
N LYS B 221 -33.38 -5.91 2.21
CA LYS B 221 -33.32 -4.48 2.49
C LYS B 221 -32.11 -3.78 1.84
N THR B 222 -31.08 -4.56 1.49
CA THR B 222 -29.88 -4.03 0.85
C THR B 222 -30.26 -3.42 -0.49
N LYS B 223 -29.42 -2.55 -1.02
CA LYS B 223 -29.67 -2.10 -2.39
C LYS B 223 -29.24 -3.13 -3.42
N PRO B 224 -30.07 -3.27 -4.45
CA PRO B 224 -29.80 -4.23 -5.52
C PRO B 224 -28.49 -3.89 -6.21
N GLY B 225 -27.74 -4.93 -6.58
CA GLY B 225 -26.39 -4.76 -7.06
C GLY B 225 -25.35 -4.74 -5.93
N VAL B 226 -25.76 -5.02 -4.70
CA VAL B 226 -24.83 -5.06 -3.57
C VAL B 226 -23.84 -6.25 -3.66
N ILE B 227 -22.63 -6.06 -3.15
CA ILE B 227 -21.70 -7.18 -3.03
C ILE B 227 -21.40 -7.51 -1.53
N ILE B 228 -21.63 -8.77 -1.14
CA ILE B 228 -21.56 -9.17 0.27
C ILE B 228 -20.40 -10.14 0.49
N VAL B 229 -19.56 -9.83 1.48
CA VAL B 229 -18.48 -10.73 1.86
C VAL B 229 -18.60 -11.24 3.31
N ASN B 230 -18.40 -12.53 3.49
CA ASN B 230 -18.22 -13.09 4.81
C ASN B 230 -16.94 -13.93 4.97
N ALA B 231 -15.91 -13.34 5.55
CA ALA B 231 -14.73 -14.14 5.89
C ALA B 231 -14.58 -14.24 7.39
N ALA B 232 -15.68 -14.00 8.11
CA ALA B 232 -15.67 -13.87 9.56
C ALA B 232 -16.20 -15.10 10.32
N ARG B 233 -17.47 -15.48 10.09
CA ARG B 233 -18.10 -16.56 10.85
C ARG B 233 -19.17 -17.33 10.09
N GLY B 234 -18.97 -18.64 10.03
CA GLY B 234 -19.99 -19.61 9.67
C GLY B 234 -21.22 -19.15 8.89
N GLY B 235 -22.25 -18.74 9.60
CA GLY B 235 -23.48 -18.34 8.93
C GLY B 235 -23.94 -16.94 9.31
N LEU B 236 -23.01 -16.06 9.61
CA LEU B 236 -23.41 -14.68 9.85
C LEU B 236 -24.35 -14.19 8.75
N VAL B 237 -24.26 -14.82 7.57
CA VAL B 237 -25.20 -14.55 6.50
C VAL B 237 -25.84 -15.87 6.09
N ASP B 238 -27.17 -15.95 6.22
CA ASP B 238 -27.88 -17.19 5.89
C ASP B 238 -27.54 -17.66 4.50
N GLU B 239 -26.89 -18.82 4.41
CA GLU B 239 -26.42 -19.36 3.13
C GLU B 239 -27.54 -19.57 2.12
N ALA B 240 -28.66 -20.08 2.58
CA ALA B 240 -29.78 -20.37 1.69
C ALA B 240 -30.39 -19.08 1.12
N ALA B 241 -30.56 -18.07 1.98
CA ALA B 241 -31.13 -16.80 1.57
C ALA B 241 -30.18 -16.05 0.64
N LEU B 242 -28.88 -16.12 0.92
CA LEU B 242 -27.88 -15.48 0.08
C LEU B 242 -28.01 -16.04 -1.32
N ALA B 243 -28.11 -17.36 -1.41
CA ALA B 243 -28.29 -18.05 -2.69
C ALA B 243 -29.52 -17.57 -3.51
N ASP B 244 -30.65 -17.40 -2.84
CA ASP B 244 -31.88 -16.91 -3.48
C ASP B 244 -31.78 -15.46 -3.90
N ALA B 245 -31.00 -14.69 -3.15
CA ALA B 245 -30.79 -13.29 -3.51
C ALA B 245 -29.81 -13.18 -4.69
N ILE B 246 -28.94 -14.18 -4.86
CA ILE B 246 -28.05 -14.23 -6.02
C ILE B 246 -28.86 -14.55 -7.27
N THR B 247 -29.47 -15.75 -7.28
CA THR B 247 -30.26 -16.20 -8.42
C THR B 247 -31.46 -15.31 -8.62
N GLY B 248 -32.00 -14.81 -7.51
CA GLY B 248 -33.13 -13.91 -7.54
C GLY B 248 -32.81 -12.57 -8.18
N GLY B 249 -31.51 -12.31 -8.35
CA GLY B 249 -31.06 -11.13 -9.06
C GLY B 249 -30.79 -9.90 -8.19
N HIS B 250 -30.94 -10.03 -6.88
CA HIS B 250 -30.76 -8.89 -5.98
C HIS B 250 -29.31 -8.66 -5.51
N VAL B 251 -28.58 -9.74 -5.21
CA VAL B 251 -27.19 -9.58 -4.81
C VAL B 251 -26.34 -9.88 -6.02
N ARG B 252 -25.46 -8.94 -6.38
CA ARG B 252 -24.62 -9.07 -7.58
C ARG B 252 -23.54 -10.14 -7.44
N ALA B 253 -22.80 -10.09 -6.33
CA ALA B 253 -21.71 -11.04 -6.08
C ALA B 253 -21.57 -11.26 -4.57
N ALA B 254 -20.80 -12.26 -4.19
CA ALA B 254 -20.51 -12.50 -2.79
C ALA B 254 -19.23 -13.31 -2.68
N GLY B 255 -18.51 -13.13 -1.58
CA GLY B 255 -17.36 -13.94 -1.27
C GLY B 255 -17.44 -14.51 0.15
N LEU B 256 -17.22 -15.81 0.29
CA LEU B 256 -17.31 -16.48 1.57
C LEU B 256 -16.10 -17.31 1.85
N ASP B 257 -15.56 -17.14 3.05
CA ASP B 257 -14.44 -17.93 3.52
C ASP B 257 -14.90 -19.02 4.49
N VAL B 258 -16.12 -18.89 4.98
CA VAL B 258 -16.58 -19.70 6.10
C VAL B 258 -17.99 -20.19 5.87
N PHE B 259 -18.35 -21.30 6.51
CA PHE B 259 -19.61 -21.95 6.22
C PHE B 259 -20.26 -22.46 7.49
N ALA B 260 -21.59 -22.45 7.52
CA ALA B 260 -22.35 -22.74 8.74
C ALA B 260 -21.94 -24.08 9.33
N THR B 261 -21.68 -25.03 8.46
CA THR B 261 -21.16 -26.32 8.88
C THR B 261 -19.90 -26.58 8.10
N GLU B 262 -18.77 -26.66 8.79
CA GLU B 262 -17.54 -26.91 8.05
C GLU B 262 -17.24 -28.39 8.00
N PRO B 263 -16.07 -28.80 7.52
CA PRO B 263 -15.98 -29.48 6.23
C PRO B 263 -17.28 -29.33 5.42
N CYS B 264 -17.25 -28.42 4.44
CA CYS B 264 -18.42 -28.11 3.61
C CYS B 264 -18.05 -28.23 2.13
N THR B 265 -18.67 -29.18 1.43
CA THR B 265 -18.29 -29.47 0.05
C THR B 265 -19.47 -29.57 -0.89
N ASP B 266 -20.68 -29.34 -0.37
CA ASP B 266 -21.89 -29.58 -1.14
C ASP B 266 -22.92 -28.47 -0.99
N SER B 267 -22.46 -27.28 -0.61
CA SER B 267 -23.32 -26.10 -0.58
C SER B 267 -23.85 -25.73 -1.97
N PRO B 268 -25.11 -25.30 -2.04
CA PRO B 268 -25.68 -24.78 -3.29
C PRO B 268 -25.04 -23.44 -3.70
N LEU B 269 -24.26 -22.84 -2.79
CA LEU B 269 -23.53 -21.64 -3.13
C LEU B 269 -22.53 -21.97 -4.22
N PHE B 270 -22.09 -23.22 -4.27
CA PHE B 270 -20.99 -23.61 -5.15
C PHE B 270 -21.38 -23.75 -6.61
N GLU B 271 -22.67 -23.66 -6.90
CA GLU B 271 -23.11 -23.76 -8.29
C GLU B 271 -23.39 -22.36 -8.84
N LEU B 272 -22.97 -21.35 -8.09
CA LEU B 272 -23.19 -19.95 -8.48
C LEU B 272 -21.84 -19.23 -8.75
N ALA B 273 -21.57 -18.90 -10.02
CA ALA B 273 -20.29 -18.29 -10.38
C ALA B 273 -20.07 -16.91 -9.76
N GLN B 274 -21.16 -16.20 -9.45
CA GLN B 274 -21.13 -14.88 -8.80
C GLN B 274 -20.61 -14.92 -7.36
N VAL B 275 -20.57 -16.12 -6.77
CA VAL B 275 -20.08 -16.31 -5.43
C VAL B 275 -18.65 -16.83 -5.43
N VAL B 276 -17.72 -16.08 -4.87
CA VAL B 276 -16.38 -16.59 -4.70
C VAL B 276 -16.25 -17.23 -3.31
N VAL B 277 -15.66 -18.42 -3.25
CA VAL B 277 -15.59 -19.21 -2.01
C VAL B 277 -14.18 -19.70 -1.77
N THR B 278 -13.78 -19.79 -0.50
CA THR B 278 -12.48 -20.37 -0.13
C THR B 278 -12.65 -21.19 1.14
N PRO B 279 -11.90 -22.28 1.28
CA PRO B 279 -12.09 -23.21 2.41
C PRO B 279 -11.49 -22.73 3.73
N HIS B 280 -11.96 -21.57 4.23
CA HIS B 280 -11.56 -21.05 5.52
C HIS B 280 -10.07 -20.82 5.57
N LEU B 281 -9.61 -19.98 4.65
CA LEU B 281 -8.19 -19.74 4.48
C LEU B 281 -7.74 -18.51 5.23
N GLY B 282 -8.72 -17.75 5.76
CA GLY B 282 -8.50 -16.47 6.41
C GLY B 282 -7.26 -16.33 7.27
N ALA B 283 -6.88 -17.42 7.93
CA ALA B 283 -5.72 -17.41 8.79
C ALA B 283 -4.58 -18.32 8.31
N SER B 284 -4.77 -18.96 7.16
CA SER B 284 -3.77 -19.92 6.65
C SER B 284 -2.67 -19.13 5.96
N THR B 285 -1.61 -18.88 6.70
CA THR B 285 -0.65 -17.86 6.34
C THR B 285 0.52 -18.12 7.24
N ALA B 286 1.71 -18.22 6.67
CA ALA B 286 2.89 -18.52 7.49
C ALA B 286 2.97 -17.52 8.62
N GLU B 287 2.67 -16.26 8.31
CA GLU B 287 2.86 -15.16 9.26
C GLU B 287 1.89 -15.25 10.43
N ALA B 288 0.64 -15.63 10.17
CA ALA B 288 -0.31 -15.76 11.28
C ALA B 288 0.08 -16.96 12.11
N GLN B 289 0.52 -18.02 11.44
CA GLN B 289 0.88 -19.24 12.16
C GLN B 289 2.09 -18.96 13.07
N ASP B 290 3.04 -18.23 12.53
CA ASP B 290 4.22 -17.83 13.25
C ASP B 290 3.84 -17.03 14.49
N ARG B 291 2.86 -16.15 14.31
CA ARG B 291 2.42 -15.33 15.43
C ARG B 291 1.63 -16.19 16.42
N ALA B 292 0.84 -17.12 15.91
CA ALA B 292 0.08 -17.97 16.80
C ALA B 292 1.05 -18.76 17.70
N GLY B 293 2.19 -19.14 17.14
CA GLY B 293 3.19 -19.92 17.85
C GLY B 293 3.85 -19.16 18.96
N THR B 294 4.45 -18.00 18.68
CA THR B 294 5.06 -17.27 19.78
C THR B 294 4.03 -16.89 20.82
N ASP B 295 2.77 -16.71 20.40
CA ASP B 295 1.69 -16.36 21.34
C ASP B 295 1.38 -17.49 22.35
N VAL B 296 1.11 -18.70 21.85
CA VAL B 296 0.81 -19.78 22.77
C VAL B 296 2.05 -20.06 23.64
N ALA B 297 3.24 -19.82 23.09
CA ALA B 297 4.48 -20.11 23.83
C ALA B 297 4.61 -19.16 24.99
N GLU B 298 4.23 -17.90 24.78
CA GLU B 298 4.23 -16.93 25.89
C GLU B 298 3.24 -17.38 26.96
N SER B 299 2.07 -17.85 26.52
CA SER B 299 1.00 -18.28 27.43
C SER B 299 1.42 -19.49 28.25
N VAL B 300 2.12 -20.42 27.61
CA VAL B 300 2.62 -21.58 28.33
C VAL B 300 3.69 -21.19 29.35
N ARG B 301 4.52 -20.22 29.00
CA ARG B 301 5.58 -19.78 29.91
C ARG B 301 4.98 -19.14 31.15
N LEU B 302 4.03 -18.22 30.94
CA LEU B 302 3.33 -17.61 32.05
C LEU B 302 2.60 -18.69 32.86
N ALA B 303 1.94 -19.62 32.18
CA ALA B 303 1.25 -20.68 32.92
C ALA B 303 2.22 -21.44 33.82
N LEU B 304 3.37 -21.84 33.27
CA LEU B 304 4.34 -22.59 34.07
C LEU B 304 4.98 -21.78 35.20
N ALA B 305 5.23 -20.50 34.96
CA ALA B 305 5.75 -19.62 35.99
C ALA B 305 4.68 -19.34 37.05
N GLY B 306 3.51 -19.96 36.88
CA GLY B 306 2.40 -19.72 37.80
C GLY B 306 1.94 -18.27 37.79
N GLU B 307 2.25 -17.55 36.71
CA GLU B 307 1.93 -16.14 36.54
C GLU B 307 0.54 -16.00 35.90
N PHE B 308 0.04 -14.77 35.83
CA PHE B 308 -1.27 -14.53 35.23
C PHE B 308 -1.22 -14.76 33.73
N VAL B 309 -2.25 -15.36 33.18
CA VAL B 309 -2.24 -15.73 31.77
C VAL B 309 -3.38 -15.02 31.01
N PRO B 310 -3.10 -13.85 30.44
CA PRO B 310 -4.20 -12.99 29.95
C PRO B 310 -4.96 -13.63 28.79
N ASP B 311 -4.39 -14.60 28.10
CA ASP B 311 -5.09 -15.19 26.96
C ASP B 311 -5.92 -16.40 27.36
N ALA B 312 -5.95 -16.75 28.64
CA ALA B 312 -6.74 -17.90 29.03
C ALA B 312 -8.24 -17.59 28.95
N VAL B 313 -9.01 -18.61 28.61
CA VAL B 313 -10.38 -18.44 28.17
C VAL B 313 -11.38 -18.87 29.27
N ASN B 314 -10.86 -19.57 30.28
CA ASN B 314 -11.66 -20.25 31.27
C ASN B 314 -11.17 -20.01 32.71
N VAL B 315 -10.54 -18.86 32.97
CA VAL B 315 -10.27 -18.45 34.35
C VAL B 315 -11.30 -17.38 34.81
N GLY B 316 -11.12 -16.84 36.02
CA GLY B 316 -12.11 -16.06 36.75
C GLY B 316 -13.21 -15.23 36.07
N GLY B 317 -13.06 -13.90 36.16
CA GLY B 317 -13.99 -12.97 35.53
C GLY B 317 -14.13 -13.29 34.06
N GLY B 318 -13.07 -13.89 33.52
CA GLY B 318 -13.10 -14.53 32.22
C GLY B 318 -11.93 -14.18 31.31
N VAL B 319 -12.31 -13.88 30.07
CA VAL B 319 -11.41 -13.47 29.02
C VAL B 319 -11.00 -12.02 29.29
N VAL B 320 -9.70 -11.73 29.29
CA VAL B 320 -9.23 -10.36 29.18
C VAL B 320 -9.30 -10.04 27.71
N ASN B 321 -9.91 -8.92 27.38
CA ASN B 321 -10.13 -8.56 26.01
C ASN B 321 -8.85 -8.11 25.31
N GLU B 322 -8.72 -8.46 24.04
CA GLU B 322 -7.56 -8.13 23.20
C GLU B 322 -7.21 -6.64 23.28
N GLU B 323 -8.22 -5.79 23.29
CA GLU B 323 -7.97 -4.38 23.46
C GLU B 323 -7.36 -4.10 24.81
N VAL B 324 -7.72 -4.89 25.83
CA VAL B 324 -7.32 -4.58 27.19
C VAL B 324 -5.95 -5.17 27.53
N ALA B 325 -5.65 -6.34 26.97
CA ALA B 325 -4.48 -7.09 27.42
C ALA B 325 -3.18 -6.25 27.44
N PRO B 326 -2.86 -5.52 26.37
CA PRO B 326 -1.59 -4.77 26.33
C PRO B 326 -1.44 -3.75 27.41
N TRP B 327 -2.54 -3.29 28.02
CA TRP B 327 -2.50 -2.32 29.12
C TRP B 327 -2.07 -2.89 30.48
N LEU B 328 -2.28 -4.18 30.69
CA LEU B 328 -1.91 -4.82 31.93
C LEU B 328 -0.54 -4.43 32.44
N ASP B 329 0.49 -4.65 31.62
CA ASP B 329 1.87 -4.49 32.06
C ASP B 329 2.19 -3.00 32.30
N LEU B 330 1.60 -2.14 31.50
CA LEU B 330 1.69 -0.71 31.66
C LEU B 330 1.12 -0.28 32.99
N VAL B 331 -0.12 -0.67 33.25
CA VAL B 331 -0.75 -0.16 34.45
C VAL B 331 -0.04 -0.71 35.71
N ARG B 332 0.48 -1.92 35.60
CA ARG B 332 1.34 -2.42 36.64
C ARG B 332 2.47 -1.41 36.94
N LYS B 333 3.07 -0.84 35.90
CA LYS B 333 4.23 -0.01 36.06
C LYS B 333 3.82 1.33 36.58
N LEU B 334 2.64 1.79 36.18
CA LEU B 334 2.11 3.01 36.77
C LEU B 334 1.92 2.81 38.26
N GLY B 335 1.52 1.59 38.63
CA GLY B 335 1.40 1.26 40.03
C GLY B 335 2.77 1.33 40.72
N VAL B 336 3.78 0.74 40.08
CA VAL B 336 5.11 0.75 40.67
C VAL B 336 5.54 2.19 40.87
N LEU B 337 5.36 2.98 39.82
CA LEU B 337 5.70 4.40 39.87
C LEU B 337 4.93 5.15 40.97
N ALA B 338 3.59 5.04 41.00
CA ALA B 338 2.84 5.77 42.03
C ALA B 338 3.37 5.47 43.42
N GLY B 339 3.97 4.30 43.58
CA GLY B 339 4.35 3.82 44.89
C GLY B 339 5.73 4.31 45.31
N VAL B 340 6.70 4.20 44.40
CA VAL B 340 8.04 4.62 44.71
C VAL B 340 8.02 6.13 44.89
N LEU B 341 7.05 6.77 44.27
CA LEU B 341 6.99 8.22 44.26
C LEU B 341 6.22 8.78 45.47
N SER B 342 5.47 7.91 46.12
CA SER B 342 4.80 8.23 47.38
C SER B 342 5.82 8.12 48.50
N ASP B 343 5.88 9.11 49.38
CA ASP B 343 6.87 8.99 50.46
C ASP B 343 6.36 8.07 51.56
N GLU B 344 5.05 8.11 51.83
CA GLU B 344 4.44 7.17 52.77
C GLU B 344 3.57 6.20 52.01
N LEU B 345 3.36 4.99 52.55
CA LEU B 345 2.45 4.06 51.89
C LEU B 345 1.07 4.72 51.74
N PRO B 346 0.52 4.64 50.55
CA PRO B 346 -0.77 5.27 50.28
C PRO B 346 -1.87 4.54 51.03
N VAL B 347 -2.95 5.24 51.35
CA VAL B 347 -4.11 4.64 51.98
C VAL B 347 -5.17 4.32 50.92
N SER B 348 -5.06 4.98 49.78
CA SER B 348 -5.95 4.77 48.66
C SER B 348 -5.19 4.74 47.34
N LEU B 349 -5.68 3.92 46.42
CA LEU B 349 -5.16 3.87 45.09
C LEU B 349 -6.35 3.97 44.15
N SER B 350 -6.26 4.89 43.19
CA SER B 350 -7.36 5.13 42.29
C SER B 350 -6.92 5.04 40.84
N VAL B 351 -7.59 4.20 40.06
CA VAL B 351 -7.18 4.00 38.69
C VAL B 351 -8.28 4.54 37.81
N GLN B 352 -7.93 5.53 36.99
CA GLN B 352 -8.90 6.20 36.13
C GLN B 352 -8.62 5.85 34.66
N VAL B 353 -9.64 5.32 34.00
CA VAL B 353 -9.48 4.93 32.63
C VAL B 353 -10.25 5.93 31.83
N ARG B 354 -9.56 6.65 30.93
CA ARG B 354 -10.26 7.70 30.14
C ARG B 354 -10.10 7.48 28.66
N GLY B 355 -11.15 7.78 27.88
CA GLY B 355 -11.03 7.70 26.44
C GLY B 355 -11.53 6.41 25.81
N GLU B 356 -10.95 6.03 24.68
CA GLU B 356 -11.42 4.85 23.97
C GLU B 356 -11.46 3.57 24.79
N LEU B 357 -10.40 3.33 25.56
CA LEU B 357 -10.28 2.21 26.50
C LEU B 357 -11.47 2.11 27.46
N ALA B 358 -12.00 3.26 27.87
CA ALA B 358 -13.12 3.30 28.79
C ALA B 358 -14.30 2.48 28.28
N ALA B 359 -14.32 2.09 27.01
CA ALA B 359 -15.49 1.31 26.53
C ALA B 359 -15.25 -0.18 26.73
N GLU B 360 -14.07 -0.58 27.20
CA GLU B 360 -13.80 -1.99 27.44
C GLU B 360 -13.99 -2.42 28.90
N GLU B 361 -13.75 -3.69 29.19
CA GLU B 361 -13.88 -4.20 30.54
C GLU B 361 -12.51 -4.20 31.15
N VAL B 362 -12.27 -3.19 31.98
CA VAL B 362 -10.95 -2.89 32.49
C VAL B 362 -10.83 -3.15 33.98
N GLU B 363 -11.77 -3.90 34.58
CA GLU B 363 -11.64 -4.25 36.01
C GLU B 363 -10.21 -4.70 36.29
N VAL B 364 -9.73 -5.61 35.46
CA VAL B 364 -8.44 -6.25 35.67
C VAL B 364 -7.29 -5.25 35.76
N LEU B 365 -7.52 -4.00 35.35
CA LEU B 365 -6.46 -3.00 35.41
C LEU B 365 -6.28 -2.49 36.86
N ARG B 366 -7.37 -2.49 37.62
CA ARG B 366 -7.29 -2.23 39.05
C ARG B 366 -6.38 -3.24 39.77
N LEU B 367 -6.57 -4.52 39.50
CA LEU B 367 -5.65 -5.52 40.05
C LEU B 367 -4.24 -5.20 39.64
N SER B 368 -4.03 -5.00 38.32
CA SER B 368 -2.70 -4.69 37.83
C SER B 368 -2.01 -3.55 38.58
N ALA B 369 -2.72 -2.45 38.75
CA ALA B 369 -2.19 -1.29 39.46
C ALA B 369 -1.81 -1.63 40.88
N LEU B 370 -2.69 -2.34 41.58
CA LEU B 370 -2.46 -2.72 42.96
C LEU B 370 -1.23 -3.58 43.03
N ARG B 371 -1.19 -4.57 42.15
CA ARG B 371 -0.08 -5.49 42.11
C ARG B 371 1.21 -4.67 41.94
N GLY B 372 1.15 -3.65 41.09
CA GLY B 372 2.27 -2.76 40.93
C GLY B 372 2.62 -1.99 42.19
N LEU B 373 1.61 -1.35 42.78
CA LEU B 373 1.75 -0.70 44.07
C LEU B 373 2.51 -1.52 45.08
N PHE B 374 2.17 -2.81 45.17
CA PHE B 374 2.65 -3.58 46.30
C PHE B 374 4.00 -4.25 46.10
N SER B 375 4.44 -4.38 44.86
CA SER B 375 5.73 -5.02 44.60
C SER B 375 6.77 -3.99 44.95
N ALA B 376 6.42 -2.73 44.69
CA ALA B 376 7.26 -1.58 45.03
C ALA B 376 7.47 -1.37 46.54
N VAL B 377 6.92 -2.26 47.38
CA VAL B 377 6.88 -2.04 48.83
C VAL B 377 7.07 -3.32 49.65
N ILE B 378 6.56 -4.44 49.15
CA ILE B 378 6.54 -5.69 49.90
C ILE B 378 7.39 -6.77 49.26
N GLU B 379 8.27 -7.37 50.07
CA GLU B 379 9.03 -8.57 49.72
C GLU B 379 8.13 -9.62 49.07
N ASP B 380 8.72 -10.43 48.17
CA ASP B 380 8.00 -11.49 47.46
C ASP B 380 6.73 -10.98 46.75
N ALA B 381 6.89 -10.51 45.52
CA ALA B 381 5.83 -9.88 44.74
C ALA B 381 4.46 -10.60 44.79
N VAL B 382 3.42 -9.80 44.63
CA VAL B 382 2.05 -10.28 44.73
C VAL B 382 1.56 -10.99 43.47
N THR B 383 0.71 -12.00 43.66
CA THR B 383 -0.04 -12.59 42.55
C THR B 383 -1.38 -11.85 42.37
N PHE B 384 -2.25 -12.34 41.50
CA PHE B 384 -3.45 -11.59 41.10
C PHE B 384 -4.66 -11.74 42.04
N VAL B 385 -4.83 -12.91 42.65
CA VAL B 385 -5.89 -13.12 43.64
C VAL B 385 -5.32 -12.85 45.04
N ASN B 386 -4.00 -12.93 45.13
CA ASN B 386 -3.24 -12.55 46.30
C ASN B 386 -3.43 -11.08 46.70
N ALA B 387 -3.49 -10.18 45.70
CA ALA B 387 -3.40 -8.73 45.94
C ALA B 387 -4.55 -8.02 46.67
N PRO B 388 -5.80 -8.23 46.26
CA PRO B 388 -6.93 -7.54 46.92
C PRO B 388 -6.95 -7.76 48.45
N ALA B 389 -6.75 -8.99 48.87
CA ALA B 389 -6.74 -9.31 50.30
C ALA B 389 -5.51 -8.69 50.97
N LEU B 390 -4.40 -8.63 50.26
CA LEU B 390 -3.18 -8.05 50.77
C LEU B 390 -3.32 -6.54 50.95
N ALA B 391 -4.06 -5.89 50.05
CA ALA B 391 -4.29 -4.44 50.13
C ALA B 391 -5.16 -4.13 51.31
N ALA B 392 -6.25 -4.88 51.43
CA ALA B 392 -7.17 -4.75 52.55
C ALA B 392 -6.42 -4.93 53.86
N GLU B 393 -5.53 -5.91 53.88
CA GLU B 393 -4.75 -6.24 55.07
C GLU B 393 -3.78 -5.12 55.46
N ARG B 394 -3.40 -4.27 54.51
CA ARG B 394 -2.50 -3.14 54.78
C ARG B 394 -3.22 -1.80 54.76
N GLY B 395 -4.54 -1.83 54.83
CA GLY B 395 -5.34 -0.62 54.89
C GLY B 395 -5.31 0.25 53.64
N VAL B 396 -5.07 -0.37 52.49
CA VAL B 396 -5.11 0.37 51.24
C VAL B 396 -6.40 0.03 50.51
N THR B 397 -7.20 1.05 50.19
CA THR B 397 -8.43 0.82 49.44
C THR B 397 -8.23 1.20 47.96
N ALA B 398 -8.86 0.45 47.05
CA ALA B 398 -8.69 0.70 45.62
C ALA B 398 -10.00 1.08 44.94
N GLU B 399 -9.93 1.94 43.94
CA GLU B 399 -11.12 2.38 43.22
C GLU B 399 -10.83 2.44 41.73
N ILE B 400 -11.83 2.19 40.89
CA ILE B 400 -11.65 2.32 39.45
C ILE B 400 -12.71 3.16 38.76
N CYS B 401 -12.26 4.14 37.97
CA CYS B 401 -13.19 4.94 37.21
C CYS B 401 -13.01 4.75 35.71
N LYS B 402 -14.12 4.87 34.99
CA LYS B 402 -14.16 4.79 33.53
C LYS B 402 -14.93 5.98 32.95
N ALA B 403 -14.24 6.85 32.20
CA ALA B 403 -14.84 8.01 31.52
C ALA B 403 -14.48 8.01 30.03
N SER B 404 -15.46 8.20 29.15
CA SER B 404 -15.21 8.20 27.73
C SER B 404 -14.32 9.39 27.34
N GLU B 405 -14.50 10.47 28.07
CA GLU B 405 -13.85 11.72 27.83
C GLU B 405 -12.41 11.70 28.29
N SER B 406 -11.49 11.92 27.36
CA SER B 406 -10.05 12.13 27.64
C SER B 406 -9.69 13.46 27.01
N PRO B 407 -9.04 14.38 27.71
CA PRO B 407 -8.90 15.74 27.19
C PRO B 407 -7.83 15.81 26.09
N ASN B 408 -6.88 14.89 26.10
CA ASN B 408 -5.79 14.97 25.14
C ASN B 408 -5.55 13.67 24.38
N HIS B 409 -5.08 12.63 25.05
CA HIS B 409 -4.82 11.32 24.43
C HIS B 409 -6.11 10.58 24.08
N ARG B 410 -6.05 9.74 23.04
CA ARG B 410 -7.21 8.93 22.66
C ARG B 410 -7.68 8.06 23.84
N SER B 411 -6.69 7.58 24.57
CA SER B 411 -6.90 6.75 25.75
C SER B 411 -5.74 7.00 26.69
N VAL B 412 -6.01 7.07 27.98
CA VAL B 412 -4.97 7.23 28.97
C VAL B 412 -5.41 6.58 30.29
N VAL B 413 -4.46 6.08 31.09
CA VAL B 413 -4.79 5.60 32.42
C VAL B 413 -4.01 6.40 33.44
N ASP B 414 -4.72 6.88 34.47
CA ASP B 414 -4.07 7.57 35.60
C ASP B 414 -4.13 6.67 36.81
N VAL B 415 -2.99 6.48 37.47
CA VAL B 415 -3.00 5.81 38.76
C VAL B 415 -2.71 6.87 39.78
N ARG B 416 -3.63 7.01 40.73
CA ARG B 416 -3.53 8.03 41.76
C ARG B 416 -3.41 7.37 43.14
N ALA B 417 -2.35 7.74 43.87
CA ALA B 417 -2.08 7.21 45.19
C ALA B 417 -2.18 8.36 46.20
N VAL B 418 -3.03 8.22 47.22
CA VAL B 418 -3.15 9.27 48.24
C VAL B 418 -2.59 8.77 49.57
N GLY B 419 -1.67 9.55 50.15
CA GLY B 419 -1.06 9.20 51.42
C GLY B 419 -1.95 9.53 52.60
N ALA B 420 -1.61 9.00 53.78
CA ALA B 420 -2.45 9.24 54.95
C ALA B 420 -2.54 10.74 55.23
N ASP B 421 -1.41 11.43 55.08
CA ASP B 421 -1.40 12.88 55.27
C ASP B 421 -2.09 13.67 54.14
N GLY B 422 -2.84 13.00 53.28
CA GLY B 422 -3.61 13.67 52.24
C GLY B 422 -2.85 14.09 50.98
N SER B 423 -1.53 13.90 50.99
CA SER B 423 -0.71 14.20 49.81
C SER B 423 -1.04 13.25 48.65
N VAL B 424 -0.91 13.75 47.42
CA VAL B 424 -1.33 13.02 46.21
C VAL B 424 -0.22 12.76 45.20
N VAL B 425 -0.21 11.56 44.62
CA VAL B 425 0.66 11.26 43.49
C VAL B 425 -0.15 10.70 42.33
N THR B 426 -0.08 11.35 41.17
CA THR B 426 -0.64 10.76 40.00
C THR B 426 0.39 10.45 38.94
N VAL B 427 0.26 9.29 38.32
CA VAL B 427 1.14 8.88 37.27
C VAL B 427 0.20 8.45 36.13
N SER B 428 0.49 8.79 34.87
CA SER B 428 -0.39 8.35 33.77
C SER B 428 0.39 7.69 32.65
N GLY B 429 -0.24 6.74 31.96
CA GLY B 429 0.41 6.05 30.86
C GLY B 429 -0.51 5.92 29.68
N THR B 430 0.04 5.92 28.47
CA THR B 430 -0.68 5.43 27.31
C THR B 430 0.05 4.40 26.51
N LEU B 431 -0.63 3.94 25.45
CA LEU B 431 -0.04 3.07 24.43
C LEU B 431 -0.52 3.50 23.08
N TYR B 432 0.40 3.65 22.13
CA TYR B 432 0.09 4.02 20.75
C TYR B 432 1.14 3.53 19.78
N GLY B 433 0.86 3.69 18.48
CA GLY B 433 1.78 3.29 17.42
C GLY B 433 1.63 1.82 17.03
N PRO B 434 2.33 1.38 15.98
CA PRO B 434 2.19 0.00 15.47
C PRO B 434 2.68 -1.07 16.45
N GLN B 435 3.59 -0.69 17.33
CA GLN B 435 4.17 -1.63 18.29
C GLN B 435 3.36 -1.65 19.60
N LEU B 436 2.42 -0.73 19.72
CA LEU B 436 1.73 -0.49 20.97
C LEU B 436 2.71 -0.21 22.09
N SER B 437 3.71 0.62 21.82
CA SER B 437 4.67 1.05 22.82
C SER B 437 4.05 1.71 24.04
N GLN B 438 4.54 1.31 25.21
CA GLN B 438 4.03 1.80 26.49
C GLN B 438 4.72 3.10 26.86
N LYS B 439 3.94 4.15 27.15
CA LYS B 439 4.58 5.43 27.43
C LYS B 439 4.09 6.06 28.73
N ILE B 440 5.01 6.60 29.50
CA ILE B 440 4.63 7.44 30.65
C ILE B 440 4.35 8.82 30.12
N VAL B 441 3.21 9.41 30.48
CA VAL B 441 2.82 10.68 29.89
C VAL B 441 2.43 11.73 30.90
N GLN B 442 2.36 11.34 32.16
CA GLN B 442 2.21 12.35 33.20
C GLN B 442 2.75 11.87 34.54
N ILE B 443 3.38 12.79 35.26
CA ILE B 443 3.69 12.64 36.66
C ILE B 443 3.20 13.93 37.30
N ASN B 444 2.14 13.88 38.09
CA ASN B 444 1.72 15.05 38.85
C ASN B 444 1.47 16.31 38.01
N GLY B 445 0.77 16.17 36.90
CA GLY B 445 0.45 17.31 36.06
C GLY B 445 1.58 17.86 35.19
N ARG B 446 2.72 17.17 35.17
CA ARG B 446 3.76 17.52 34.24
C ARG B 446 3.66 16.46 33.17
N HIS B 447 3.92 16.84 31.91
CA HIS B 447 3.68 15.98 30.75
C HIS B 447 4.97 15.59 30.10
N PHE B 448 4.95 14.40 29.50
CA PHE B 448 6.15 13.70 29.05
C PHE B 448 5.69 12.71 28.01
N ASP B 449 6.64 12.09 27.34
CA ASP B 449 6.36 10.94 26.49
C ASP B 449 7.64 10.09 26.53
N LEU B 450 7.73 9.24 27.53
CA LEU B 450 8.92 8.43 27.70
C LEU B 450 8.52 6.99 27.79
N ARG B 451 9.35 6.13 27.21
CA ARG B 451 9.09 4.71 27.19
C ARG B 451 9.05 4.23 28.61
N ALA B 452 8.09 3.34 28.88
CA ALA B 452 7.96 2.77 30.21
C ALA B 452 8.81 1.51 30.23
N GLN B 453 10.13 1.71 30.41
CA GLN B 453 11.08 0.63 30.40
C GLN B 453 12.41 1.10 31.02
N GLY B 454 13.26 0.16 31.37
CA GLY B 454 14.60 0.45 31.85
C GLY B 454 14.66 1.14 33.19
N ILE B 455 15.86 1.53 33.59
CA ILE B 455 16.06 2.26 34.84
C ILE B 455 15.79 3.75 34.66
N ASN B 456 14.82 4.28 35.40
CA ASN B 456 14.47 5.67 35.25
C ASN B 456 14.67 6.41 36.53
N LEU B 457 15.28 7.58 36.43
CA LEU B 457 15.60 8.40 37.58
C LEU B 457 14.63 9.56 37.55
N ILE B 458 13.95 9.82 38.66
CA ILE B 458 13.00 10.92 38.70
C ILE B 458 13.45 11.93 39.74
N ILE B 459 13.48 13.19 39.35
CA ILE B 459 13.91 14.24 40.24
C ILE B 459 12.95 15.41 40.20
N HIS B 460 12.42 15.77 41.36
CA HIS B 460 11.67 17.01 41.51
C HIS B 460 12.52 18.00 42.31
N TYR B 461 12.92 19.09 41.63
CA TYR B 461 13.90 20.00 42.21
C TYR B 461 13.60 21.49 42.02
N VAL B 462 14.45 22.30 42.67
CA VAL B 462 14.37 23.76 42.67
C VAL B 462 15.10 24.33 41.44
N ASP B 463 14.40 25.06 40.58
CA ASP B 463 15.02 25.57 39.35
C ASP B 463 15.94 26.77 39.56
N ARG B 464 17.24 26.50 39.54
CA ARG B 464 18.28 27.51 39.64
C ARG B 464 19.09 27.34 38.37
N PRO B 465 19.65 28.42 37.84
CA PRO B 465 20.71 28.27 36.84
C PRO B 465 21.70 27.23 37.36
N GLY B 466 22.16 26.37 36.46
CA GLY B 466 23.19 25.37 36.78
C GLY B 466 22.60 24.04 37.14
N ALA B 467 21.31 24.04 37.47
CA ALA B 467 20.65 22.86 37.97
C ALA B 467 20.79 21.64 37.02
N LEU B 468 20.26 21.76 35.81
CA LEU B 468 20.27 20.64 34.89
C LEU B 468 21.70 20.19 34.62
N GLY B 469 22.63 21.15 34.65
CA GLY B 469 24.01 20.87 34.37
C GLY B 469 24.63 20.02 35.45
N LYS B 470 24.31 20.37 36.69
CA LYS B 470 24.87 19.65 37.81
C LYS B 470 24.36 18.20 37.80
N ILE B 471 23.06 18.01 37.48
CA ILE B 471 22.51 16.66 37.38
C ILE B 471 23.28 15.86 36.33
N GLY B 472 23.44 16.47 35.15
CA GLY B 472 24.15 15.84 34.07
C GLY B 472 25.63 15.62 34.41
N THR B 473 26.26 16.61 35.02
CA THR B 473 27.68 16.46 35.26
C THR B 473 27.90 15.25 36.15
N LEU B 474 27.11 15.13 37.22
CA LEU B 474 27.28 14.06 38.17
C LEU B 474 27.00 12.67 37.58
N LEU B 475 25.91 12.53 36.84
CA LEU B 475 25.63 11.26 36.21
C LEU B 475 26.82 10.82 35.32
N GLY B 476 27.31 11.76 34.50
CA GLY B 476 28.32 11.44 33.50
C GLY B 476 29.63 11.11 34.18
N THR B 477 29.87 11.82 35.27
CA THR B 477 31.07 11.70 36.02
C THR B 477 31.10 10.33 36.61
N ALA B 478 29.92 9.75 36.79
CA ALA B 478 29.82 8.42 37.39
C ALA B 478 29.77 7.28 36.37
N GLY B 479 30.04 7.60 35.10
CA GLY B 479 29.86 6.63 34.02
C GLY B 479 28.42 6.25 33.67
N VAL B 480 27.44 6.95 34.22
CA VAL B 480 26.03 6.60 33.96
C VAL B 480 25.49 7.34 32.74
N ASN B 481 25.04 6.58 31.73
CA ASN B 481 24.70 7.19 30.45
C ASN B 481 23.21 7.42 30.34
N ILE B 482 22.84 8.52 29.70
CA ILE B 482 21.45 8.90 29.64
C ILE B 482 20.92 8.53 28.28
N GLN B 483 19.92 7.66 28.25
CA GLN B 483 19.36 7.17 26.99
C GLN B 483 18.31 8.15 26.48
N ALA B 484 17.62 8.79 27.40
CA ALA B 484 16.62 9.81 27.08
C ALA B 484 16.26 10.57 28.36
N ALA B 485 15.65 11.74 28.21
CA ALA B 485 15.44 12.55 29.39
C ALA B 485 14.52 13.64 28.96
N GLN B 486 13.65 14.03 29.85
CA GLN B 486 12.76 15.11 29.51
C GLN B 486 12.49 15.84 30.80
N LEU B 487 12.47 17.16 30.70
CA LEU B 487 12.37 18.01 31.86
C LEU B 487 11.31 19.04 31.56
N SER B 488 10.31 19.15 32.43
CA SER B 488 9.26 20.16 32.30
C SER B 488 9.38 21.13 33.46
N GLU B 489 8.86 22.33 33.27
CA GLU B 489 8.85 23.31 34.34
C GLU B 489 7.44 23.35 34.92
N ASP B 490 7.37 23.56 36.23
CA ASP B 490 6.10 23.68 36.94
C ASP B 490 5.34 24.90 36.42
N ALA B 491 4.01 24.79 36.36
CA ALA B 491 3.18 25.89 35.89
C ALA B 491 3.28 27.09 36.83
N GLU B 492 3.14 26.81 38.12
CA GLU B 492 3.01 27.84 39.13
C GLU B 492 3.89 27.53 40.34
N GLY B 493 5.15 27.22 40.08
CA GLY B 493 6.07 26.91 41.17
C GLY B 493 7.47 27.41 40.92
N PRO B 494 8.35 27.21 41.89
CA PRO B 494 9.78 27.50 41.70
C PRO B 494 10.51 26.26 41.16
N GLY B 495 9.77 25.18 40.90
CA GLY B 495 10.36 23.88 40.67
C GLY B 495 10.35 23.32 39.26
N ALA B 496 10.96 22.15 39.13
CA ALA B 496 11.08 21.49 37.84
C ALA B 496 11.15 20.01 38.11
N THR B 497 10.73 19.22 37.14
CA THR B 497 10.72 17.79 37.32
C THR B 497 11.24 17.08 36.07
N ILE B 498 12.25 16.25 36.25
CA ILE B 498 12.91 15.61 35.13
C ILE B 498 12.82 14.10 35.33
N LEU B 499 12.93 13.37 34.21
CA LEU B 499 12.86 11.93 34.13
C LEU B 499 13.97 11.53 33.19
N LEU B 500 14.81 10.60 33.62
CA LEU B 500 15.94 10.19 32.79
C LEU B 500 15.99 8.67 32.73
N ARG B 501 16.04 8.12 31.52
CA ARG B 501 16.21 6.71 31.37
C ARG B 501 17.71 6.48 31.26
N LEU B 502 18.23 5.63 32.15
CA LEU B 502 19.66 5.48 32.36
C LEU B 502 20.09 4.11 31.88
N ASP B 503 21.38 3.95 31.57
CA ASP B 503 21.82 2.63 31.11
C ASP B 503 22.22 1.70 32.26
N GLN B 504 22.04 2.18 33.49
CA GLN B 504 22.51 1.49 34.68
C GLN B 504 22.11 2.26 35.94
N ASP B 505 22.10 1.57 37.08
CA ASP B 505 21.72 2.17 38.36
C ASP B 505 22.65 3.29 38.81
N VAL B 506 22.12 4.15 39.67
CA VAL B 506 22.89 5.25 40.27
C VAL B 506 23.18 4.93 41.72
N PRO B 507 24.44 4.67 42.02
CA PRO B 507 24.90 4.45 43.40
C PRO B 507 24.32 5.44 44.39
N ASP B 508 24.01 4.96 45.58
CA ASP B 508 23.42 5.78 46.64
C ASP B 508 24.17 7.09 46.84
N ASP B 509 25.48 6.98 47.07
CA ASP B 509 26.35 8.15 47.22
C ASP B 509 26.06 9.23 46.17
N VAL B 510 25.83 8.80 44.94
CA VAL B 510 25.64 9.69 43.83
C VAL B 510 24.23 10.27 43.84
N ARG B 511 23.26 9.52 44.38
CA ARG B 511 21.88 10.02 44.46
C ARG B 511 21.85 11.15 45.48
N THR B 512 22.46 10.89 46.63
CA THR B 512 22.58 11.90 47.67
C THR B 512 23.23 13.16 47.11
N ALA B 513 24.27 12.95 46.30
CA ALA B 513 24.98 14.05 45.67
C ALA B 513 24.09 14.84 44.69
N ILE B 514 23.49 14.14 43.74
CA ILE B 514 22.56 14.81 42.85
C ILE B 514 21.53 15.59 43.68
N ALA B 515 21.07 14.97 44.75
CA ALA B 515 19.97 15.53 45.54
C ALA B 515 20.36 16.80 46.28
N ALA B 516 21.60 16.87 46.73
CA ALA B 516 22.09 18.05 47.41
C ALA B 516 22.50 19.08 46.37
N ALA B 517 22.93 18.61 45.20
CA ALA B 517 23.47 19.55 44.24
C ALA B 517 22.32 20.42 43.76
N VAL B 518 21.18 19.80 43.50
CA VAL B 518 19.94 20.54 43.26
C VAL B 518 19.24 20.48 44.61
N ASP B 519 18.15 21.20 44.83
CA ASP B 519 17.57 21.04 46.17
C ASP B 519 16.35 20.15 46.07
N ALA B 520 16.59 18.86 45.83
CA ALA B 520 15.53 17.97 45.43
C ALA B 520 14.49 17.75 46.53
N TYR B 521 13.21 18.00 46.20
CA TYR B 521 12.10 17.63 47.06
C TYR B 521 12.04 16.12 47.02
N LYS B 522 12.23 15.57 45.84
CA LYS B 522 12.09 14.14 45.58
C LYS B 522 13.17 13.68 44.60
N LEU B 523 13.65 12.46 44.81
CA LEU B 523 14.61 11.82 43.92
C LEU B 523 14.48 10.31 44.09
N GLU B 524 14.02 9.63 43.05
CA GLU B 524 13.85 8.20 43.12
C GLU B 524 14.41 7.54 41.88
N VAL B 525 14.82 6.29 42.02
CA VAL B 525 15.18 5.52 40.84
C VAL B 525 14.26 4.31 40.79
N VAL B 526 13.71 4.00 39.62
CA VAL B 526 12.79 2.86 39.50
C VAL B 526 13.00 2.07 38.21
N ASP B 527 13.00 0.74 38.35
CA ASP B 527 13.13 -0.16 37.22
C ASP B 527 11.76 -0.44 36.58
N LEU B 528 11.64 -0.13 35.30
CA LEU B 528 10.37 -0.18 34.62
C LEU B 528 10.30 -1.37 33.68
N SER B 529 11.26 -2.27 33.81
CA SER B 529 11.19 -3.55 33.10
C SER B 529 10.05 -4.40 33.64
O1 TLA C . 30.95 26.53 -29.75
O11 TLA C . 30.85 28.68 -29.42
C1 TLA C . 31.55 27.58 -29.65
C2 TLA C . 33.04 27.61 -29.81
O2 TLA C . 33.46 28.96 -29.88
C3 TLA C . 33.48 26.84 -31.07
O3 TLA C . 32.90 27.41 -32.24
C4 TLA C . 34.99 26.77 -31.20
O4 TLA C . 35.68 26.57 -30.23
O41 TLA C . 35.59 26.93 -32.38
O1 TLA D . 4.47 19.29 31.36
O11 TLA D . 2.83 20.58 30.66
C1 TLA D . 4.12 20.38 30.96
C2 TLA D . 5.12 21.47 30.74
O2 TLA D . 4.50 22.68 30.32
C3 TLA D . 6.13 21.04 29.67
O3 TLA D . 5.45 20.51 28.56
C4 TLA D . 6.92 22.23 29.27
O4 TLA D . 7.29 23.13 30.17
O41 TLA D . 7.24 22.37 28.09
O1 TLA E . -14.52 -4.37 33.67
O11 TLA E . -14.70 -2.17 33.95
C1 TLA E . -15.12 -3.31 34.19
C2 TLA E . -16.32 -3.49 35.06
O2 TLA E . -16.30 -4.75 35.73
C3 TLA E . -17.55 -3.42 34.17
O3 TLA E . -17.53 -4.49 33.25
C4 TLA E . -18.75 -3.51 35.05
O4 TLA E . -18.68 -3.12 36.22
O41 TLA E . -19.89 -4.02 34.56
#